data_4I7E
#
_entry.id   4I7E
#
_cell.length_a   96.650
_cell.length_b   112.960
_cell.length_c   131.040
_cell.angle_alpha   90.00
_cell.angle_beta   90.00
_cell.angle_gamma   90.00
#
_symmetry.space_group_name_H-M   'P 21 21 21'
#
loop_
_entity.id
_entity.type
_entity.pdbx_description
1 polymer 6-phosphofructokinase
2 non-polymer PHOSPHOENOLPYRUVATE
3 water water
#
_entity_poly.entity_id   1
_entity_poly.type   'polypeptide(L)'
_entity_poly.pdbx_seq_one_letter_code
;MKRIGVLTSGGASPGMNAAIRSVVRKAIYHGVEVYGVYHGYAGLIAGNIKKLEVGDVGDIIHRGGTILYTARCPEFKTEE
GQKKGIEQLKKHGIEGLVVIGGDGSYQGAKKLTEHGFPCVGVPGTIDNDIPGTDFTIGFDTALNTVIDAIDKIRDTATSH
ERTYVIEVMGRHAGDIALWSGLAGGAETILIPEADYDMNDVIARLKRGHERGKKHSIIIVAEGVGSGVDFGRQIQEATGF
ETRVTVLGHVQRGGSPTAFDRVLASRLGARAVELLLEGKGGRCVGIQNNQLVDHDIAEALANKHTIDQRMYALSKELSI
;
_entity_poly.pdbx_strand_id   A,B,C,D
#
# COMPACT_ATOMS: atom_id res chain seq x y z
N MET A 1 -24.51 -19.95 -28.55
CA MET A 1 -25.44 -19.01 -27.85
C MET A 1 -25.37 -17.58 -28.37
N LYS A 2 -26.53 -16.95 -28.49
CA LYS A 2 -26.61 -15.55 -28.90
C LYS A 2 -26.34 -14.64 -27.69
N ARG A 3 -26.80 -15.09 -26.51
CA ARG A 3 -26.78 -14.25 -25.32
C ARG A 3 -26.60 -15.04 -24.02
N ILE A 4 -25.63 -14.63 -23.20
CA ILE A 4 -25.48 -15.18 -21.85
C ILE A 4 -25.67 -14.14 -20.75
N GLY A 5 -25.66 -14.63 -19.50
CA GLY A 5 -25.72 -13.79 -18.32
C GLY A 5 -24.60 -14.01 -17.33
N VAL A 6 -24.44 -13.05 -16.43
CA VAL A 6 -23.44 -13.18 -15.39
C VAL A 6 -23.95 -12.50 -14.12
N LEU A 7 -23.73 -13.16 -12.99
CA LEU A 7 -24.05 -12.57 -11.71
C LEU A 7 -23.01 -12.89 -10.64
N THR A 8 -23.04 -12.11 -9.56
CA THR A 8 -22.19 -12.34 -8.40
C THR A 8 -23.08 -12.70 -7.21
N SER A 9 -22.61 -13.63 -6.41
CA SER A 9 -23.37 -14.08 -5.25
C SER A 9 -22.44 -14.45 -4.10
N GLY A 10 -22.97 -14.37 -2.88
CA GLY A 10 -22.18 -14.62 -1.68
C GLY A 10 -21.55 -13.33 -1.24
N GLY A 11 -20.57 -13.41 -0.35
CA GLY A 11 -19.87 -12.22 0.05
C GLY A 11 -19.05 -11.61 -1.06
N ALA A 12 -18.74 -10.31 -0.93
CA ALA A 12 -17.77 -9.65 -1.84
C ALA A 12 -16.42 -10.35 -1.72
N SER A 13 -15.65 -10.36 -2.81
CA SER A 13 -14.35 -11.00 -2.84
C SER A 13 -13.49 -10.17 -3.76
N PRO A 14 -12.24 -9.85 -3.35
CA PRO A 14 -11.42 -9.10 -4.32
C PRO A 14 -11.19 -9.87 -5.63
N GLY A 15 -11.53 -9.25 -6.75
CA GLY A 15 -11.36 -9.91 -8.07
C GLY A 15 -12.65 -10.37 -8.72
N MET A 16 -13.76 -10.24 -8.02
CA MET A 16 -15.05 -10.44 -8.66
C MET A 16 -15.23 -9.54 -9.88
N ASN A 17 -14.75 -8.30 -9.84
CA ASN A 17 -14.89 -7.40 -11.00
C ASN A 17 -14.03 -7.81 -12.19
N ALA A 18 -12.79 -8.25 -11.92
CA ALA A 18 -11.92 -8.86 -12.92
C ALA A 18 -12.56 -10.07 -13.63
N ALA A 19 -13.28 -10.89 -12.86
CA ALA A 19 -13.98 -12.07 -13.41
C ALA A 19 -15.18 -11.67 -14.28
N ILE A 20 -15.95 -10.68 -13.84
CA ILE A 20 -17.06 -10.11 -14.61
C ILE A 20 -16.53 -9.53 -15.90
N ARG A 21 -15.45 -8.74 -15.82
CA ARG A 21 -14.81 -8.15 -17.02
C ARG A 21 -14.41 -9.20 -18.05
N SER A 22 -13.82 -10.28 -17.57
CA SER A 22 -13.38 -11.38 -18.39
C SER A 22 -14.54 -12.13 -19.06
N VAL A 23 -15.59 -12.47 -18.30
CA VAL A 23 -16.78 -13.06 -18.89
C VAL A 23 -17.36 -12.19 -20.01
N VAL A 24 -17.51 -10.89 -19.74
CA VAL A 24 -18.04 -9.96 -20.72
C VAL A 24 -17.15 -9.81 -21.96
N ARG A 25 -15.88 -9.55 -21.76
CA ARG A 25 -14.96 -9.39 -22.86
C ARG A 25 -14.77 -10.69 -23.68
N LYS A 26 -14.74 -11.84 -23.01
CA LYS A 26 -14.55 -13.14 -23.68
C LYS A 26 -15.77 -13.50 -24.53
N ALA A 27 -16.96 -13.21 -24.00
CA ALA A 27 -18.21 -13.46 -24.71
C ALA A 27 -18.25 -12.54 -25.90
N ILE A 28 -18.06 -11.25 -25.64
CA ILE A 28 -18.13 -10.26 -26.72
C ILE A 28 -17.09 -10.56 -27.83
N TYR A 29 -15.90 -11.00 -27.44
CA TYR A 29 -14.88 -11.41 -28.41
C TYR A 29 -15.40 -12.45 -29.40
N HIS A 30 -16.27 -13.34 -28.92
CA HIS A 30 -16.83 -14.42 -29.74
C HIS A 30 -18.16 -14.09 -30.37
N GLY A 31 -18.56 -12.82 -30.33
CA GLY A 31 -19.84 -12.40 -30.91
C GLY A 31 -21.05 -12.68 -30.04
N VAL A 32 -20.84 -12.94 -28.75
CA VAL A 32 -21.95 -13.23 -27.83
C VAL A 32 -22.32 -11.98 -27.03
N GLU A 33 -23.63 -11.71 -26.89
CA GLU A 33 -24.10 -10.65 -25.98
C GLU A 33 -24.04 -11.12 -24.54
N VAL A 34 -23.83 -10.18 -23.61
CA VAL A 34 -23.76 -10.51 -22.17
C VAL A 34 -24.63 -9.56 -21.39
N TYR A 35 -25.53 -10.12 -20.58
CA TYR A 35 -26.45 -9.34 -19.79
C TYR A 35 -26.02 -9.49 -18.34
N GLY A 36 -25.98 -8.36 -17.63
CA GLY A 36 -25.62 -8.34 -16.21
C GLY A 36 -26.86 -8.59 -15.38
N VAL A 37 -26.74 -9.44 -14.37
CA VAL A 37 -27.81 -9.72 -13.43
C VAL A 37 -27.32 -9.18 -12.10
N TYR A 38 -28.04 -8.18 -11.60
CA TYR A 38 -27.65 -7.42 -10.41
C TYR A 38 -28.26 -8.04 -9.16
N HIS A 39 -27.57 -7.95 -8.03
CA HIS A 39 -28.07 -8.49 -6.75
C HIS A 39 -28.25 -10.03 -6.69
N GLY A 40 -27.38 -10.75 -7.39
CA GLY A 40 -27.39 -12.20 -7.43
C GLY A 40 -28.68 -12.84 -7.94
N TYR A 41 -29.04 -13.98 -7.36
CA TYR A 41 -30.31 -14.66 -7.66
C TYR A 41 -31.57 -13.84 -7.31
N ALA A 42 -31.45 -12.98 -6.30
CA ALA A 42 -32.55 -12.08 -5.95
C ALA A 42 -32.90 -11.21 -7.16
N GLY A 43 -31.87 -10.64 -7.78
CA GLY A 43 -32.04 -9.81 -8.96
C GLY A 43 -32.50 -10.60 -10.15
N LEU A 44 -32.07 -11.86 -10.25
CA LEU A 44 -32.51 -12.71 -11.34
C LEU A 44 -34.02 -12.85 -11.28
N ILE A 45 -34.52 -13.17 -10.08
CA ILE A 45 -35.94 -13.32 -9.82
C ILE A 45 -36.70 -12.01 -10.06
N ALA A 46 -36.15 -10.90 -9.60
CA ALA A 46 -36.78 -9.60 -9.74
C ALA A 46 -36.68 -9.03 -11.16
N GLY A 47 -35.83 -9.63 -11.99
CA GLY A 47 -35.62 -9.13 -13.36
C GLY A 47 -34.74 -7.89 -13.41
N ASN A 48 -33.82 -7.77 -12.45
CA ASN A 48 -32.86 -6.69 -12.45
C ASN A 48 -31.66 -7.03 -13.36
N ILE A 49 -31.89 -6.86 -14.66
CA ILE A 49 -31.01 -7.38 -15.68
C ILE A 49 -30.79 -6.29 -16.70
N LYS A 50 -29.53 -6.06 -17.08
CA LYS A 50 -29.20 -4.98 -17.99
C LYS A 50 -28.06 -5.45 -18.86
N LYS A 51 -28.18 -5.26 -20.16
CA LYS A 51 -27.09 -5.57 -21.06
C LYS A 51 -25.82 -4.85 -20.60
N LEU A 52 -24.70 -5.55 -20.75
CA LEU A 52 -23.37 -5.01 -20.46
C LEU A 52 -22.61 -4.87 -21.79
N GLU A 53 -22.19 -3.64 -22.08
CA GLU A 53 -21.37 -3.34 -23.28
C GLU A 53 -19.88 -3.53 -22.99
N VAL A 54 -19.07 -3.59 -24.06
CA VAL A 54 -17.61 -3.70 -23.90
C VAL A 54 -17.09 -2.68 -22.89
N GLY A 55 -17.55 -1.44 -22.98
CA GLY A 55 -17.03 -0.37 -22.16
C GLY A 55 -17.58 -0.31 -20.75
N ASP A 56 -18.65 -1.06 -20.47
CA ASP A 56 -19.22 -1.10 -19.12
C ASP A 56 -18.33 -1.85 -18.13
N VAL A 57 -17.35 -2.61 -18.64
CA VAL A 57 -16.39 -3.31 -17.78
C VAL A 57 -15.00 -2.69 -17.95
N GLY A 58 -14.98 -1.49 -18.52
CA GLY A 58 -13.80 -0.68 -18.54
C GLY A 58 -13.57 -0.12 -17.15
N ASP A 59 -12.31 0.07 -16.80
CA ASP A 59 -11.96 0.56 -15.46
C ASP A 59 -12.65 -0.14 -14.25
N ILE A 60 -12.85 -1.47 -14.34
CA ILE A 60 -13.18 -2.27 -13.15
C ILE A 60 -12.14 -3.35 -12.81
N ILE A 61 -11.21 -3.68 -13.72
CA ILE A 61 -10.31 -4.81 -13.45
C ILE A 61 -9.60 -4.70 -12.05
N HIS A 62 -9.31 -3.47 -11.67
CA HIS A 62 -8.56 -3.12 -10.47
C HIS A 62 -9.39 -2.75 -9.25
N ARG A 63 -10.70 -2.81 -9.36
CA ARG A 63 -11.55 -2.34 -8.28
C ARG A 63 -11.97 -3.54 -7.48
N GLY A 64 -12.08 -3.37 -6.15
CA GLY A 64 -12.66 -4.39 -5.29
C GLY A 64 -14.17 -4.44 -5.40
N GLY A 65 -14.77 -5.40 -4.69
CA GLY A 65 -16.24 -5.55 -4.66
C GLY A 65 -16.78 -6.10 -5.97
N THR A 66 -18.03 -5.75 -6.28
CA THR A 66 -18.70 -6.23 -7.50
C THR A 66 -19.68 -5.19 -8.00
N ILE A 67 -19.54 -4.79 -9.25
CA ILE A 67 -20.40 -3.78 -9.85
C ILE A 67 -21.80 -4.32 -10.07
N LEU A 68 -21.97 -5.63 -9.91
CA LEU A 68 -23.25 -6.30 -10.11
C LEU A 68 -23.98 -6.49 -8.77
N TYR A 69 -23.26 -6.27 -7.67
CA TYR A 69 -23.76 -6.49 -6.31
C TYR A 69 -24.06 -7.96 -6.03
N THR A 70 -24.18 -8.27 -4.74
CA THR A 70 -24.61 -9.59 -4.27
C THR A 70 -25.71 -9.38 -3.24
N ALA A 71 -26.60 -10.37 -3.14
CA ALA A 71 -27.64 -10.42 -2.13
C ALA A 71 -27.89 -11.88 -1.80
N ARG A 72 -28.37 -12.14 -0.58
CA ARG A 72 -28.82 -13.46 -0.16
C ARG A 72 -30.21 -13.71 -0.76
N CYS A 73 -30.39 -14.87 -1.37
CA CYS A 73 -31.68 -15.25 -1.96
C CYS A 73 -32.14 -16.63 -1.50
N PRO A 74 -32.81 -16.69 -0.33
CA PRO A 74 -33.52 -17.88 0.13
C PRO A 74 -34.61 -18.36 -0.84
N GLU A 75 -35.32 -17.41 -1.47
CA GLU A 75 -36.28 -17.75 -2.53
C GLU A 75 -35.72 -18.76 -3.55
N PHE A 76 -34.42 -18.66 -3.82
CA PHE A 76 -33.77 -19.53 -4.79
C PHE A 76 -33.42 -20.93 -4.25
N LYS A 77 -33.35 -21.09 -2.92
CA LYS A 77 -33.13 -22.40 -2.30
C LYS A 77 -34.40 -23.27 -2.42
N THR A 78 -35.37 -22.81 -3.21
CA THR A 78 -36.67 -23.49 -3.37
C THR A 78 -37.35 -23.19 -4.70
N GLU A 79 -38.31 -24.00 -5.13
CA GLU A 79 -38.22 -24.80 -6.37
C GLU A 79 -39.07 -23.81 -7.21
N GLU A 80 -39.92 -23.05 -6.49
CA GLU A 80 -40.71 -21.98 -7.07
C GLU A 80 -39.83 -20.77 -7.39
N GLY A 81 -38.89 -20.42 -6.50
CA GLY A 81 -37.95 -19.33 -6.78
C GLY A 81 -37.16 -19.63 -8.03
N GLN A 82 -36.60 -20.84 -8.07
CA GLN A 82 -35.76 -21.29 -9.19
C GLN A 82 -36.41 -21.08 -10.53
N LYS A 83 -37.74 -21.02 -10.56
CA LYS A 83 -38.45 -21.06 -11.82
C LYS A 83 -39.45 -19.93 -12.17
N LYS A 84 -39.69 -18.94 -11.32
CA LYS A 84 -39.12 -17.54 -11.41
C LYS A 84 -37.83 -17.05 -12.06
N GLY A 85 -36.67 -17.51 -11.59
CA GLY A 85 -35.41 -17.15 -12.26
C GLY A 85 -35.46 -17.52 -13.73
N ILE A 86 -36.18 -18.60 -14.00
CA ILE A 86 -36.25 -19.22 -15.31
C ILE A 86 -37.08 -18.37 -16.29
N GLU A 87 -38.23 -17.85 -15.85
CA GLU A 87 -39.06 -17.02 -16.73
C GLU A 87 -38.35 -15.72 -17.08
N GLN A 88 -37.60 -15.18 -16.12
CA GLN A 88 -36.83 -13.94 -16.31
C GLN A 88 -35.65 -14.13 -17.27
N LEU A 89 -35.02 -15.30 -17.24
CA LEU A 89 -33.94 -15.63 -18.17
C LEU A 89 -34.47 -15.79 -19.60
N LYS A 90 -35.64 -16.42 -19.72
CA LYS A 90 -36.26 -16.61 -21.03
C LYS A 90 -36.83 -15.30 -21.56
N LYS A 91 -37.43 -14.50 -20.67
CA LYS A 91 -37.96 -13.20 -21.03
C LYS A 91 -36.87 -12.27 -21.57
N HIS A 92 -35.65 -12.41 -21.04
CA HIS A 92 -34.52 -11.58 -21.49
C HIS A 92 -33.64 -12.23 -22.55
N GLY A 93 -33.99 -13.44 -22.97
CA GLY A 93 -33.27 -14.16 -24.03
C GLY A 93 -31.95 -14.78 -23.61
N ILE A 94 -31.76 -14.97 -22.30
CA ILE A 94 -30.48 -15.43 -21.76
C ILE A 94 -30.42 -16.95 -21.80
N GLU A 95 -29.46 -17.49 -22.52
CA GLU A 95 -29.38 -18.93 -22.79
C GLU A 95 -28.43 -19.69 -21.85
N GLY A 96 -27.60 -18.95 -21.13
CA GLY A 96 -26.64 -19.54 -20.22
C GLY A 96 -26.21 -18.51 -19.20
N LEU A 97 -25.63 -18.99 -18.11
CA LEU A 97 -25.31 -18.12 -16.98
C LEU A 97 -23.95 -18.44 -16.35
N VAL A 98 -23.15 -17.42 -16.10
CA VAL A 98 -21.95 -17.56 -15.30
C VAL A 98 -22.26 -16.98 -13.91
N VAL A 99 -22.09 -17.83 -12.90
CA VAL A 99 -22.25 -17.45 -11.53
C VAL A 99 -20.89 -17.36 -10.87
N ILE A 100 -20.54 -16.16 -10.40
CA ILE A 100 -19.27 -15.92 -9.73
C ILE A 100 -19.59 -15.76 -8.26
N GLY A 101 -19.13 -16.69 -7.44
CA GLY A 101 -19.43 -16.63 -6.02
C GLY A 101 -18.83 -17.79 -5.25
N GLY A 102 -19.38 -18.04 -4.07
CA GLY A 102 -18.95 -19.16 -3.25
C GLY A 102 -19.81 -20.39 -3.43
N ASP A 103 -19.66 -21.31 -2.48
CA ASP A 103 -20.40 -22.58 -2.42
C ASP A 103 -21.90 -22.52 -2.70
N GLY A 104 -22.60 -21.63 -1.99
CA GLY A 104 -24.03 -21.46 -2.14
C GLY A 104 -24.45 -21.11 -3.54
N SER A 105 -23.69 -20.24 -4.19
CA SER A 105 -24.03 -19.84 -5.54
C SER A 105 -23.96 -21.01 -6.54
N TYR A 106 -23.14 -22.01 -6.24
CA TYR A 106 -23.00 -23.19 -7.10
C TYR A 106 -24.30 -24.01 -7.11
N GLN A 107 -24.91 -24.15 -5.94
CA GLN A 107 -26.17 -24.87 -5.78
C GLN A 107 -27.20 -24.37 -6.81
N GLY A 108 -27.38 -23.05 -6.86
CA GLY A 108 -28.29 -22.46 -7.83
C GLY A 108 -27.88 -22.74 -9.27
N ALA A 109 -26.56 -22.81 -9.51
CA ALA A 109 -26.02 -23.17 -10.83
C ALA A 109 -26.43 -24.58 -11.26
N LYS A 110 -26.26 -25.54 -10.35
CA LYS A 110 -26.65 -26.94 -10.56
C LYS A 110 -28.14 -27.08 -10.94
N LYS A 111 -28.99 -26.58 -10.05
CA LYS A 111 -30.44 -26.68 -10.22
C LYS A 111 -30.92 -26.03 -11.51
N LEU A 112 -30.33 -24.89 -11.87
CA LEU A 112 -30.70 -24.18 -13.11
C LEU A 112 -30.45 -25.00 -14.39
N THR A 113 -29.37 -25.76 -14.41
CA THR A 113 -28.99 -26.54 -15.60
C THR A 113 -29.98 -27.69 -15.81
N GLU A 114 -30.39 -28.30 -14.70
CA GLU A 114 -31.43 -29.33 -14.72
C GLU A 114 -32.71 -28.83 -15.40
N HIS A 115 -33.03 -27.56 -15.23
CA HIS A 115 -34.20 -26.95 -15.86
C HIS A 115 -33.89 -26.38 -17.26
N GLY A 116 -32.77 -26.84 -17.83
CA GLY A 116 -32.41 -26.56 -19.22
C GLY A 116 -31.67 -25.26 -19.46
N PHE A 117 -30.96 -24.77 -18.44
CA PHE A 117 -30.08 -23.61 -18.55
C PHE A 117 -28.66 -23.98 -18.18
N PRO A 118 -27.80 -24.10 -19.20
CA PRO A 118 -26.40 -24.28 -18.88
C PRO A 118 -25.94 -23.14 -17.95
N CYS A 119 -25.33 -23.53 -16.86
CA CYS A 119 -24.74 -22.61 -15.90
CA CYS A 119 -24.74 -22.60 -15.91
C CYS A 119 -23.34 -23.11 -15.53
N VAL A 120 -22.39 -22.19 -15.44
CA VAL A 120 -21.05 -22.55 -15.01
C VAL A 120 -20.71 -21.71 -13.79
N GLY A 121 -20.16 -22.36 -12.76
CA GLY A 121 -19.77 -21.68 -11.52
C GLY A 121 -18.31 -21.28 -11.49
N VAL A 122 -18.05 -20.05 -11.04
CA VAL A 122 -16.68 -19.50 -10.91
C VAL A 122 -16.43 -19.17 -9.44
N PRO A 123 -15.29 -19.64 -8.90
CA PRO A 123 -15.07 -19.50 -7.46
C PRO A 123 -14.59 -18.13 -6.98
N GLY A 124 -15.49 -17.36 -6.41
CA GLY A 124 -15.17 -16.02 -5.99
C GLY A 124 -15.43 -15.89 -4.51
N THR A 125 -14.37 -16.10 -3.73
CA THR A 125 -14.48 -16.01 -2.28
C THR A 125 -13.08 -15.88 -1.67
N ILE A 126 -12.96 -15.19 -0.52
CA ILE A 126 -11.68 -15.07 0.17
C ILE A 126 -11.33 -16.33 0.97
N ASP A 127 -12.35 -17.14 1.28
CA ASP A 127 -12.22 -18.26 2.21
C ASP A 127 -11.38 -19.43 1.73
N ASN A 128 -11.22 -19.55 0.42
CA ASN A 128 -10.52 -20.68 -0.21
C ASN A 128 -11.15 -22.04 0.11
N ASP A 129 -12.48 -22.06 0.30
CA ASP A 129 -13.16 -23.26 0.78
C ASP A 129 -14.06 -23.89 -0.28
N ILE A 130 -13.63 -23.85 -1.53
CA ILE A 130 -14.40 -24.43 -2.63
C ILE A 130 -13.62 -25.61 -3.24
N PRO A 131 -14.28 -26.78 -3.31
CA PRO A 131 -13.82 -27.94 -4.12
C PRO A 131 -13.61 -27.69 -5.62
N GLY A 132 -12.68 -28.46 -6.17
CA GLY A 132 -12.35 -28.36 -7.57
C GLY A 132 -11.41 -27.23 -7.89
N THR A 133 -10.83 -26.63 -6.85
CA THR A 133 -9.92 -25.52 -7.05
C THR A 133 -8.98 -25.42 -5.87
N ASP A 134 -7.69 -25.32 -6.15
CA ASP A 134 -6.69 -25.07 -5.13
C ASP A 134 -6.87 -23.69 -4.50
N PHE A 135 -7.21 -22.70 -5.32
CA PHE A 135 -7.33 -21.31 -4.86
C PHE A 135 -8.62 -20.73 -5.39
N THR A 136 -9.22 -19.87 -4.59
CA THR A 136 -10.42 -19.16 -4.99
C THR A 136 -10.01 -17.72 -5.22
N ILE A 137 -10.80 -17.01 -6.01
CA ILE A 137 -10.50 -15.63 -6.37
C ILE A 137 -10.82 -14.76 -5.19
N GLY A 138 -9.79 -14.17 -4.61
CA GLY A 138 -9.93 -13.22 -3.52
C GLY A 138 -9.12 -13.63 -2.33
N PHE A 139 -8.73 -14.92 -2.31
CA PHE A 139 -7.91 -15.49 -1.26
C PHE A 139 -6.53 -14.82 -1.10
N ASP A 140 -5.73 -14.80 -2.18
CA ASP A 140 -4.43 -14.10 -2.15
C ASP A 140 -4.52 -12.67 -1.64
N THR A 141 -5.54 -11.95 -2.06
CA THR A 141 -5.71 -10.56 -1.68
C THR A 141 -6.01 -10.51 -0.18
N ALA A 142 -6.97 -11.33 0.29
CA ALA A 142 -7.22 -11.47 1.75
C ALA A 142 -5.95 -11.71 2.55
N LEU A 143 -5.08 -12.59 2.04
CA LEU A 143 -3.83 -12.89 2.76
C LEU A 143 -2.92 -11.68 2.88
N ASN A 144 -2.83 -10.89 1.82
CA ASN A 144 -2.06 -9.67 1.85
C ASN A 144 -2.66 -8.58 2.72
N THR A 145 -3.98 -8.52 2.85
CA THR A 145 -4.65 -7.67 3.85
C THR A 145 -4.33 -8.08 5.29
N VAL A 146 -4.26 -9.39 5.54
CA VAL A 146 -3.87 -9.88 6.86
C VAL A 146 -2.42 -9.57 7.19
N ILE A 147 -1.50 -9.81 6.26
CA ILE A 147 -0.08 -9.58 6.59
C ILE A 147 0.25 -8.09 6.73
N ASP A 148 -0.49 -7.23 6.05
CA ASP A 148 -0.45 -5.80 6.28
C ASP A 148 -0.60 -5.50 7.77
N ALA A 149 -1.65 -6.07 8.39
CA ALA A 149 -1.89 -5.94 9.83
C ALA A 149 -0.74 -6.52 10.62
N ILE A 150 -0.30 -7.73 10.28
CA ILE A 150 0.77 -8.39 11.05
C ILE A 150 2.02 -7.56 10.97
N ASP A 151 2.32 -7.06 9.78
CA ASP A 151 3.58 -6.32 9.56
C ASP A 151 3.61 -5.08 10.44
N LYS A 152 2.49 -4.38 10.51
CA LYS A 152 2.40 -3.19 11.35
C LYS A 152 2.53 -3.47 12.83
N ILE A 153 1.87 -4.52 13.29
CA ILE A 153 1.99 -5.01 14.65
C ILE A 153 3.46 -5.30 15.02
N ARG A 154 4.24 -5.83 14.08
CA ARG A 154 5.69 -6.05 14.29
C ARG A 154 6.46 -4.81 14.66
N ASP A 155 5.98 -3.62 14.29
CA ASP A 155 6.69 -2.40 14.63
C ASP A 155 6.37 -1.90 16.03
N THR A 156 5.36 -2.48 16.66
CA THR A 156 4.73 -1.88 17.83
C THR A 156 5.14 -2.53 19.13
N ALA A 157 5.88 -3.63 19.05
CA ALA A 157 6.20 -4.40 20.25
C ALA A 157 7.08 -3.60 21.23
N THR A 158 6.89 -3.86 22.50
CA THR A 158 7.72 -3.31 23.56
C THR A 158 7.97 -4.47 24.52
N SER A 159 8.54 -4.19 25.68
CA SER A 159 8.83 -5.24 26.69
C SER A 159 7.53 -5.73 27.36
N HIS A 160 6.65 -4.77 27.64
CA HIS A 160 5.36 -5.01 28.31
C HIS A 160 4.24 -5.45 27.34
N GLU A 161 4.22 -4.88 26.14
CA GLU A 161 3.22 -5.20 25.10
C GLU A 161 3.91 -5.99 23.98
N ARG A 162 3.93 -7.30 24.13
CA ARG A 162 4.79 -8.15 23.36
C ARG A 162 4.04 -9.32 22.66
N THR A 163 2.76 -9.48 22.97
CA THR A 163 1.99 -10.67 22.60
C THR A 163 0.74 -10.18 21.89
N TYR A 164 0.54 -10.64 20.64
CA TYR A 164 -0.55 -10.13 19.81
C TYR A 164 -1.41 -11.26 19.28
N VAL A 165 -2.73 -11.11 19.39
CA VAL A 165 -3.68 -12.01 18.75
C VAL A 165 -4.40 -11.26 17.65
N ILE A 166 -4.43 -11.84 16.45
CA ILE A 166 -5.20 -11.30 15.33
C ILE A 166 -6.18 -12.35 14.87
N GLU A 167 -7.44 -11.96 14.83
CA GLU A 167 -8.52 -12.82 14.36
C GLU A 167 -8.82 -12.55 12.89
N VAL A 168 -8.78 -13.63 12.11
CA VAL A 168 -8.96 -13.56 10.67
C VAL A 168 -10.22 -14.30 10.25
N MET A 169 -10.68 -14.04 9.03
CA MET A 169 -11.89 -14.68 8.49
C MET A 169 -11.57 -16.08 7.93
N GLY A 170 -12.48 -16.61 7.12
CA GLY A 170 -12.34 -17.96 6.55
C GLY A 170 -13.54 -18.89 6.76
N ARG A 171 -14.50 -18.47 7.58
CA ARG A 171 -15.72 -19.23 7.84
C ARG A 171 -15.37 -20.52 8.62
N HIS A 172 -15.39 -21.69 7.99
CA HIS A 172 -15.02 -22.96 8.65
C HIS A 172 -13.66 -23.51 8.16
N ALA A 173 -13.02 -22.77 7.25
CA ALA A 173 -11.76 -23.14 6.64
C ALA A 173 -10.58 -22.38 7.25
N GLY A 174 -9.46 -23.08 7.46
CA GLY A 174 -8.28 -22.50 8.08
C GLY A 174 -7.24 -21.91 7.14
N ASP A 175 -7.56 -21.83 5.85
CA ASP A 175 -6.59 -21.38 4.86
C ASP A 175 -6.05 -19.96 5.09
N ILE A 176 -6.94 -19.00 5.36
CA ILE A 176 -6.48 -17.63 5.62
C ILE A 176 -5.49 -17.62 6.80
N ALA A 177 -5.87 -18.22 7.93
CA ALA A 177 -5.06 -18.26 9.13
C ALA A 177 -3.71 -18.96 8.90
N LEU A 178 -3.75 -20.07 8.18
CA LEU A 178 -2.55 -20.85 7.93
C LEU A 178 -1.56 -20.12 7.06
N TRP A 179 -2.01 -19.62 5.90
CA TRP A 179 -1.14 -18.99 4.95
C TRP A 179 -0.69 -17.61 5.43
N SER A 180 -1.61 -16.82 6.00
CA SER A 180 -1.30 -15.54 6.67
CA SER A 180 -1.23 -15.53 6.58
C SER A 180 -0.26 -15.73 7.74
N GLY A 181 -0.47 -16.77 8.52
CA GLY A 181 0.36 -17.07 9.65
C GLY A 181 1.76 -17.46 9.27
N LEU A 182 1.94 -18.28 8.24
CA LEU A 182 3.28 -18.61 7.71
C LEU A 182 4.01 -17.41 7.10
N ALA A 183 3.27 -16.66 6.29
CA ALA A 183 3.80 -15.46 5.64
C ALA A 183 4.10 -14.36 6.66
N GLY A 184 3.36 -14.32 7.76
CA GLY A 184 3.52 -13.29 8.76
C GLY A 184 4.44 -13.70 9.89
N GLY A 185 4.92 -14.92 9.87
CA GLY A 185 5.85 -15.40 10.89
C GLY A 185 5.16 -15.70 12.21
N ALA A 186 3.88 -16.05 12.16
CA ALA A 186 3.11 -16.28 13.40
C ALA A 186 3.64 -17.49 14.16
N GLU A 187 3.67 -17.36 15.49
CA GLU A 187 4.19 -18.34 16.39
C GLU A 187 3.16 -19.41 16.62
N THR A 188 1.90 -19.00 16.69
CA THR A 188 0.79 -19.91 16.83
C THR A 188 -0.30 -19.54 15.85
N ILE A 189 -0.81 -20.56 15.17
CA ILE A 189 -1.91 -20.46 14.23
C ILE A 189 -2.97 -21.45 14.70
N LEU A 190 -4.15 -20.95 15.06
CA LEU A 190 -5.27 -21.80 15.48
C LEU A 190 -6.22 -21.98 14.31
N ILE A 191 -6.41 -23.22 13.87
CA ILE A 191 -7.26 -23.49 12.72
C ILE A 191 -8.16 -24.67 13.01
N PRO A 192 -9.33 -24.76 12.33
CA PRO A 192 -10.25 -25.89 12.55
C PRO A 192 -9.72 -27.27 12.09
N GLU A 193 -8.76 -27.30 11.18
CA GLU A 193 -8.27 -28.56 10.61
C GLU A 193 -7.13 -29.18 11.40
N ALA A 194 -6.75 -28.55 12.51
CA ALA A 194 -5.60 -29.01 13.27
C ALA A 194 -5.85 -28.82 14.76
N ASP A 195 -5.45 -29.82 15.53
CA ASP A 195 -5.61 -29.78 16.96
C ASP A 195 -4.66 -28.75 17.52
N TYR A 196 -5.08 -28.10 18.58
CA TYR A 196 -4.20 -27.22 19.32
C TYR A 196 -4.42 -27.45 20.80
N ASP A 197 -3.41 -27.11 21.58
CA ASP A 197 -3.48 -27.23 23.02
C ASP A 197 -2.98 -25.92 23.61
N MET A 198 -3.86 -25.23 24.34
CA MET A 198 -3.57 -23.93 24.91
C MET A 198 -2.33 -23.94 25.84
N ASN A 199 -2.05 -25.07 26.51
CA ASN A 199 -0.79 -25.22 27.26
C ASN A 199 0.45 -25.12 26.36
N ASP A 200 0.44 -25.81 25.22
CA ASP A 200 1.57 -25.75 24.25
C ASP A 200 1.76 -24.34 23.69
N VAL A 201 0.64 -23.71 23.34
CA VAL A 201 0.62 -22.32 22.94
C VAL A 201 1.31 -21.43 23.98
N ILE A 202 1.01 -21.69 25.25
CA ILE A 202 1.60 -20.93 26.36
C ILE A 202 3.07 -21.35 26.60
N ALA A 203 3.37 -22.64 26.43
CA ALA A 203 4.76 -23.10 26.46
C ALA A 203 5.59 -22.36 25.41
N ARG A 204 5.08 -22.28 24.18
CA ARG A 204 5.78 -21.60 23.08
C ARG A 204 6.03 -20.12 23.36
N LEU A 205 5.03 -19.42 23.92
CA LEU A 205 5.19 -18.02 24.32
C LEU A 205 6.38 -17.86 25.25
N LYS A 206 6.40 -18.67 26.30
CA LYS A 206 7.45 -18.57 27.32
C LYS A 206 8.83 -18.87 26.73
N ARG A 207 8.96 -19.94 25.95
CA ARG A 207 10.24 -20.26 25.29
C ARG A 207 10.81 -19.10 24.48
N GLY A 208 9.93 -18.40 23.77
CA GLY A 208 10.28 -17.22 22.98
C GLY A 208 10.66 -16.02 23.82
N HIS A 209 9.92 -15.79 24.90
CA HIS A 209 10.28 -14.76 25.85
C HIS A 209 11.65 -15.05 26.47
N GLU A 210 11.90 -16.31 26.85
CA GLU A 210 13.17 -16.66 27.52
C GLU A 210 14.39 -16.57 26.60
N ARG A 211 14.20 -16.74 25.29
CA ARG A 211 15.32 -16.72 24.32
C ARG A 211 15.51 -15.35 23.63
N GLY A 212 14.73 -14.36 24.02
CA GLY A 212 14.85 -13.00 23.49
C GLY A 212 14.06 -12.68 22.23
N LYS A 213 13.05 -13.48 21.89
CA LYS A 213 12.16 -13.18 20.77
C LYS A 213 11.45 -11.86 21.08
N LYS A 214 11.48 -10.92 20.13
CA LYS A 214 10.98 -9.55 20.38
C LYS A 214 9.47 -9.55 20.64
N HIS A 215 8.75 -10.41 19.93
CA HIS A 215 7.31 -10.56 20.11
C HIS A 215 6.85 -11.93 19.66
N SER A 216 5.62 -12.25 20.08
CA SER A 216 4.88 -13.42 19.67
C SER A 216 3.54 -13.02 19.06
N ILE A 217 3.28 -13.54 17.87
CA ILE A 217 2.09 -13.21 17.08
C ILE A 217 1.24 -14.47 16.97
N ILE A 218 -0.05 -14.34 17.30
CA ILE A 218 -0.98 -15.46 17.32
C ILE A 218 -2.09 -15.17 16.36
N ILE A 219 -2.33 -16.10 15.44
CA ILE A 219 -3.37 -15.95 14.45
C ILE A 219 -4.46 -16.94 14.79
N VAL A 220 -5.68 -16.43 14.88
CA VAL A 220 -6.85 -17.22 15.23
C VAL A 220 -7.84 -17.15 14.06
N ALA A 221 -8.11 -18.30 13.41
CA ALA A 221 -9.25 -18.45 12.49
C ALA A 221 -10.56 -18.25 13.21
N GLU A 222 -11.49 -17.49 12.60
CA GLU A 222 -12.81 -17.25 13.21
C GLU A 222 -13.63 -18.52 13.47
N GLY A 223 -13.39 -19.55 12.64
CA GLY A 223 -14.00 -20.87 12.82
C GLY A 223 -13.61 -21.58 14.10
N VAL A 224 -12.50 -21.16 14.70
CA VAL A 224 -12.04 -21.75 15.95
C VAL A 224 -12.61 -21.00 17.15
N GLY A 225 -12.76 -19.68 17.03
CA GLY A 225 -13.21 -18.89 18.16
C GLY A 225 -12.86 -17.41 18.06
N SER A 226 -13.01 -16.73 19.18
CA SER A 226 -12.94 -15.28 19.26
C SER A 226 -11.55 -14.84 19.66
N GLY A 227 -10.95 -13.98 18.86
CA GLY A 227 -9.66 -13.40 19.16
C GLY A 227 -9.66 -12.73 20.50
N VAL A 228 -10.71 -11.94 20.77
CA VAL A 228 -10.85 -11.23 22.05
C VAL A 228 -10.86 -12.20 23.25
N ASP A 229 -11.54 -13.32 23.10
CA ASP A 229 -11.59 -14.35 24.14
C ASP A 229 -10.22 -15.01 24.32
N PHE A 230 -9.57 -15.39 23.24
CA PHE A 230 -8.22 -15.98 23.32
C PHE A 230 -7.19 -15.05 23.96
N GLY A 231 -7.23 -13.79 23.53
CA GLY A 231 -6.33 -12.78 24.04
C GLY A 231 -6.46 -12.65 25.54
N ARG A 232 -7.70 -12.60 26.00
CA ARG A 232 -8.01 -12.45 27.43
C ARG A 232 -7.61 -13.69 28.24
N GLN A 233 -7.83 -14.86 27.68
CA GLN A 233 -7.39 -16.10 28.31
C GLN A 233 -5.87 -16.20 28.44
N ILE A 234 -5.15 -15.78 27.41
CA ILE A 234 -3.68 -15.74 27.46
C ILE A 234 -3.15 -14.77 28.55
N GLN A 235 -3.72 -13.56 28.61
CA GLN A 235 -3.33 -12.54 29.60
C GLN A 235 -3.69 -12.99 31.00
N GLU A 236 -4.88 -13.56 31.16
CA GLU A 236 -5.29 -14.15 32.44
C GLU A 236 -4.34 -15.29 32.85
N ALA A 237 -4.08 -16.23 31.95
CA ALA A 237 -3.19 -17.35 32.25
C ALA A 237 -1.74 -16.96 32.61
N THR A 238 -1.21 -15.94 31.93
CA THR A 238 0.24 -15.68 31.91
C THR A 238 0.69 -14.37 32.55
N GLY A 239 -0.22 -13.43 32.75
CA GLY A 239 0.16 -12.07 33.13
C GLY A 239 0.69 -11.23 31.98
N PHE A 240 0.86 -11.84 30.80
CA PHE A 240 1.37 -11.15 29.60
C PHE A 240 0.29 -10.26 29.00
N GLU A 241 0.53 -8.95 29.02
CA GLU A 241 -0.30 -8.00 28.30
C GLU A 241 -0.50 -8.44 26.86
N THR A 242 -1.75 -8.70 26.49
CA THR A 242 -2.09 -9.23 25.18
C THR A 242 -2.96 -8.24 24.41
N ARG A 243 -2.60 -7.95 23.17
CA ARG A 243 -3.35 -7.01 22.34
C ARG A 243 -4.02 -7.74 21.19
N VAL A 244 -5.29 -7.38 20.93
CA VAL A 244 -6.15 -8.12 19.98
C VAL A 244 -6.62 -7.22 18.80
N THR A 245 -6.36 -7.68 17.58
CA THR A 245 -6.95 -7.08 16.41
C THR A 245 -7.99 -8.08 15.88
N VAL A 246 -9.18 -7.59 15.56
CA VAL A 246 -10.15 -8.33 14.79
C VAL A 246 -10.38 -7.56 13.49
N LEU A 247 -9.94 -8.12 12.36
CA LEU A 247 -9.97 -7.39 11.11
C LEU A 247 -11.35 -7.34 10.53
N GLY A 248 -12.08 -8.45 10.61
CA GLY A 248 -13.45 -8.48 10.09
C GLY A 248 -13.47 -8.27 8.58
N HIS A 249 -14.54 -7.63 8.11
CA HIS A 249 -14.87 -7.55 6.68
C HIS A 249 -13.91 -6.76 5.79
N VAL A 250 -12.95 -6.05 6.38
CA VAL A 250 -11.78 -5.49 5.68
C VAL A 250 -11.13 -6.51 4.70
N GLN A 251 -11.07 -7.77 5.13
CA GLN A 251 -10.48 -8.88 4.39
C GLN A 251 -11.20 -9.21 3.09
N ARG A 252 -12.48 -8.83 3.01
CA ARG A 252 -13.24 -9.01 1.75
C ARG A 252 -13.05 -7.84 0.79
N GLY A 253 -12.48 -6.73 1.27
CA GLY A 253 -12.35 -5.53 0.50
C GLY A 253 -10.95 -5.26 -0.05
N GLY A 254 -10.89 -4.26 -0.93
CA GLY A 254 -9.65 -3.78 -1.51
C GLY A 254 -9.46 -4.20 -2.93
N SER A 255 -8.46 -3.60 -3.59
CA SER A 255 -8.13 -3.97 -4.95
C SER A 255 -7.46 -5.36 -4.95
N PRO A 256 -7.90 -6.24 -5.87
CA PRO A 256 -7.25 -7.56 -5.98
C PRO A 256 -5.78 -7.47 -6.36
N THR A 257 -5.01 -8.44 -5.86
CA THR A 257 -3.60 -8.62 -6.22
C THR A 257 -3.44 -9.06 -7.65
N ALA A 258 -2.21 -9.04 -8.14
CA ALA A 258 -1.92 -9.53 -9.48
C ALA A 258 -2.47 -10.96 -9.68
N PHE A 259 -2.25 -11.86 -8.72
CA PHE A 259 -2.65 -13.25 -8.84
C PHE A 259 -4.15 -13.39 -8.92
N ASP A 260 -4.88 -12.62 -8.11
CA ASP A 260 -6.35 -12.69 -8.13
C ASP A 260 -6.96 -12.16 -9.44
N ARG A 261 -6.37 -11.11 -10.00
CA ARG A 261 -6.78 -10.58 -11.30
C ARG A 261 -6.51 -11.57 -12.44
N VAL A 262 -5.36 -12.25 -12.40
CA VAL A 262 -5.03 -13.25 -13.40
C VAL A 262 -5.97 -14.45 -13.30
N LEU A 263 -6.10 -15.02 -12.11
CA LEU A 263 -6.95 -16.19 -11.90
C LEU A 263 -8.38 -15.85 -12.28
N ALA A 264 -8.85 -14.68 -11.86
CA ALA A 264 -10.17 -14.22 -12.22
C ALA A 264 -10.35 -14.15 -13.71
N SER A 265 -9.36 -13.61 -14.41
CA SER A 265 -9.44 -13.47 -15.86
C SER A 265 -9.48 -14.80 -16.62
N ARG A 266 -8.64 -15.73 -16.19
CA ARG A 266 -8.53 -17.05 -16.79
C ARG A 266 -9.78 -17.88 -16.54
N LEU A 267 -10.21 -17.92 -15.30
CA LEU A 267 -11.42 -18.66 -14.91
C LEU A 267 -12.71 -18.13 -15.51
N GLY A 268 -12.89 -16.80 -15.50
CA GLY A 268 -14.07 -16.18 -16.10
C GLY A 268 -14.22 -16.51 -17.56
N ALA A 269 -13.12 -16.40 -18.27
CA ALA A 269 -13.02 -16.71 -19.71
C ALA A 269 -13.30 -18.19 -19.98
N ARG A 270 -12.69 -19.06 -19.16
CA ARG A 270 -12.95 -20.49 -19.23
C ARG A 270 -14.44 -20.83 -19.11
N ALA A 271 -15.13 -20.19 -18.18
CA ALA A 271 -16.59 -20.38 -18.05
C ALA A 271 -17.35 -20.10 -19.34
N VAL A 272 -17.02 -19.00 -19.99
CA VAL A 272 -17.65 -18.62 -21.25
C VAL A 272 -17.37 -19.69 -22.32
N GLU A 273 -16.14 -20.20 -22.36
CA GLU A 273 -15.74 -21.29 -23.26
C GLU A 273 -16.56 -22.54 -23.08
N LEU A 274 -16.73 -22.96 -21.83
CA LEU A 274 -17.55 -24.12 -21.50
C LEU A 274 -18.97 -23.94 -22.01
N LEU A 275 -19.54 -22.77 -21.77
CA LEU A 275 -20.90 -22.49 -22.23
C LEU A 275 -20.99 -22.59 -23.75
N LEU A 276 -20.06 -21.97 -24.47
CA LEU A 276 -20.03 -22.05 -25.92
C LEU A 276 -19.67 -23.47 -26.43
N GLU A 277 -18.90 -24.25 -25.67
CA GLU A 277 -18.63 -25.67 -26.01
C GLU A 277 -19.87 -26.57 -25.90
N GLY A 278 -20.93 -26.06 -25.29
CA GLY A 278 -22.14 -26.82 -25.09
C GLY A 278 -22.19 -27.56 -23.77
N LYS A 279 -21.37 -27.12 -22.82
CA LYS A 279 -21.29 -27.76 -21.52
C LYS A 279 -22.10 -26.92 -20.52
N GLY A 280 -22.52 -27.53 -19.42
CA GLY A 280 -23.28 -26.85 -18.39
C GLY A 280 -23.20 -27.67 -17.12
N GLY A 281 -23.57 -27.08 -15.98
CA GLY A 281 -23.52 -27.79 -14.69
C GLY A 281 -22.08 -28.01 -14.21
N ARG A 282 -21.16 -27.16 -14.67
CA ARG A 282 -19.74 -27.28 -14.32
C ARG A 282 -19.28 -26.10 -13.46
N CYS A 283 -18.17 -26.29 -12.76
CA CYS A 283 -17.46 -25.19 -12.13
C CYS A 283 -16.01 -25.25 -12.53
N VAL A 284 -15.37 -24.07 -12.57
CA VAL A 284 -14.01 -23.99 -13.05
C VAL A 284 -13.07 -23.78 -11.85
N GLY A 285 -11.80 -24.12 -12.03
CA GLY A 285 -10.79 -23.90 -10.98
C GLY A 285 -9.38 -24.04 -11.52
N ILE A 286 -8.43 -23.90 -10.60
CA ILE A 286 -7.03 -24.12 -10.87
C ILE A 286 -6.62 -25.25 -9.94
N GLN A 287 -6.02 -26.29 -10.50
CA GLN A 287 -5.55 -27.42 -9.73
C GLN A 287 -4.20 -27.85 -10.26
N ASN A 288 -3.23 -27.98 -9.35
CA ASN A 288 -1.85 -28.24 -9.73
C ASN A 288 -1.36 -27.33 -10.87
N ASN A 289 -1.69 -26.05 -10.71
CA ASN A 289 -1.29 -24.98 -11.61
C ASN A 289 -1.81 -25.17 -13.01
N GLN A 290 -2.98 -25.76 -13.13
CA GLN A 290 -3.55 -26.04 -14.42
C GLN A 290 -5.04 -25.75 -14.32
N LEU A 291 -5.59 -25.07 -15.32
CA LEU A 291 -7.02 -24.82 -15.38
C LEU A 291 -7.79 -26.13 -15.54
N VAL A 292 -8.81 -26.30 -14.70
CA VAL A 292 -9.65 -27.49 -14.70
C VAL A 292 -11.12 -27.07 -14.61
N ASP A 293 -12.01 -28.01 -14.93
CA ASP A 293 -13.45 -27.84 -14.65
C ASP A 293 -14.02 -29.19 -14.22
N HIS A 294 -15.08 -29.17 -13.39
CA HIS A 294 -15.67 -30.38 -12.82
C HIS A 294 -17.18 -30.30 -12.83
N ASP A 295 -17.84 -31.45 -12.78
CA ASP A 295 -19.27 -31.48 -12.48
C ASP A 295 -19.48 -30.84 -11.11
N ILE A 296 -20.49 -29.96 -11.00
CA ILE A 296 -20.76 -29.22 -9.77
C ILE A 296 -21.08 -30.13 -8.59
N ALA A 297 -22.04 -31.05 -8.76
CA ALA A 297 -22.36 -32.06 -7.73
C ALA A 297 -21.17 -32.92 -7.27
N GLU A 298 -20.41 -33.48 -8.22
CA GLU A 298 -19.19 -34.26 -7.92
C GLU A 298 -18.24 -33.46 -7.05
N ALA A 299 -17.91 -32.26 -7.54
CA ALA A 299 -17.01 -31.33 -6.85
C ALA A 299 -17.49 -31.05 -5.44
N LEU A 300 -18.77 -30.74 -5.27
CA LEU A 300 -19.31 -30.41 -3.95
C LEU A 300 -19.32 -31.57 -2.95
N ALA A 301 -19.20 -32.80 -3.42
CA ALA A 301 -19.20 -33.97 -2.53
C ALA A 301 -17.82 -34.18 -1.89
N ASN A 302 -16.80 -33.47 -2.41
CA ASN A 302 -15.45 -33.55 -1.86
C ASN A 302 -15.30 -32.73 -0.58
N LYS A 303 -14.36 -33.15 0.26
CA LYS A 303 -14.06 -32.42 1.50
C LYS A 303 -12.85 -31.53 1.29
N HIS A 304 -12.93 -30.33 1.86
CA HIS A 304 -11.83 -29.39 1.84
C HIS A 304 -10.80 -29.74 2.92
N THR A 305 -9.53 -29.71 2.52
CA THR A 305 -8.40 -29.97 3.41
C THR A 305 -7.37 -28.82 3.31
N ILE A 306 -6.53 -28.66 4.33
CA ILE A 306 -5.36 -27.80 4.25
C ILE A 306 -4.09 -28.65 4.22
N ASP A 307 -2.96 -28.02 3.95
CA ASP A 307 -1.69 -28.70 3.91
C ASP A 307 -1.10 -28.79 5.31
N GLN A 308 -1.08 -30.00 5.87
CA GLN A 308 -0.64 -30.21 7.22
C GLN A 308 0.87 -29.97 7.33
N ARG A 309 1.62 -30.20 6.26
CA ARG A 309 3.05 -29.90 6.23
C ARG A 309 3.32 -28.41 6.48
N MET A 310 2.56 -27.55 5.81
CA MET A 310 2.72 -26.11 5.94
C MET A 310 2.40 -25.68 7.35
N TYR A 311 1.43 -26.34 7.96
CA TYR A 311 1.10 -26.09 9.37
C TYR A 311 2.26 -26.46 10.32
N ALA A 312 2.85 -27.65 10.11
CA ALA A 312 4.01 -28.07 10.90
C ALA A 312 5.23 -27.21 10.63
N LEU A 313 5.47 -26.85 9.37
CA LEU A 313 6.54 -25.90 9.03
C LEU A 313 6.43 -24.59 9.79
N SER A 314 5.22 -24.05 9.88
CA SER A 314 5.00 -22.79 10.57
C SER A 314 5.48 -22.86 12.03
N LYS A 315 5.32 -24.02 12.65
CA LYS A 315 5.78 -24.25 14.05
C LYS A 315 7.29 -24.11 14.04
N GLU A 316 7.98 -24.62 13.03
CA GLU A 316 9.31 -25.18 13.20
C GLU A 316 10.10 -23.83 13.01
N LEU A 317 9.57 -22.98 12.12
CA LEU A 317 10.22 -21.75 11.69
C LEU A 317 10.10 -20.63 12.72
N SER A 318 9.12 -20.74 13.62
CA SER A 318 8.85 -19.65 14.56
C SER A 318 9.54 -19.84 15.91
N ILE A 319 10.43 -20.81 16.01
CA ILE A 319 11.26 -20.96 17.19
C ILE A 319 12.09 -19.70 17.42
N MET B 1 24.96 -33.15 9.39
CA MET B 1 25.95 -32.04 9.43
C MET B 1 25.82 -31.29 10.76
N LYS B 2 26.88 -30.58 11.11
CA LYS B 2 26.90 -29.73 12.30
C LYS B 2 26.63 -28.28 11.92
N ARG B 3 27.00 -27.91 10.70
CA ARG B 3 27.00 -26.53 10.30
C ARG B 3 26.87 -26.37 8.81
N ILE B 4 26.05 -25.42 8.41
CA ILE B 4 25.84 -25.07 7.01
C ILE B 4 25.94 -23.56 6.84
N GLY B 5 25.95 -23.13 5.58
CA GLY B 5 26.00 -21.72 5.25
C GLY B 5 24.86 -21.33 4.35
N VAL B 6 24.60 -20.03 4.27
CA VAL B 6 23.66 -19.48 3.32
C VAL B 6 24.14 -18.12 2.78
N LEU B 7 23.83 -17.87 1.51
CA LEU B 7 24.07 -16.58 0.89
C LEU B 7 23.06 -16.21 -0.17
N THR B 8 23.12 -14.94 -0.58
CA THR B 8 22.27 -14.44 -1.65
C THR B 8 23.16 -13.88 -2.77
N SER B 9 22.70 -14.03 -4.00
CA SER B 9 23.42 -13.68 -5.22
C SER B 9 22.39 -13.27 -6.29
N GLY B 10 22.83 -12.50 -7.28
CA GLY B 10 21.95 -11.95 -8.31
C GLY B 10 21.43 -10.62 -7.81
N GLY B 11 20.51 -10.01 -8.53
CA GLY B 11 19.89 -8.81 -7.95
C GLY B 11 19.11 -9.15 -6.68
N ALA B 12 18.67 -8.11 -5.97
CA ALA B 12 17.77 -8.25 -4.84
C ALA B 12 16.40 -8.70 -5.36
N SER B 13 15.71 -9.46 -4.54
CA SER B 13 14.43 -9.98 -4.91
C SER B 13 13.56 -10.04 -3.64
N PRO B 14 12.34 -9.48 -3.69
CA PRO B 14 11.53 -9.54 -2.49
C PRO B 14 11.28 -11.00 -2.08
N GLY B 15 11.58 -11.31 -0.82
CA GLY B 15 11.40 -12.65 -0.27
C GLY B 15 12.73 -13.29 0.08
N MET B 16 13.82 -12.69 -0.36
CA MET B 16 15.14 -13.21 -0.04
C MET B 16 15.33 -13.30 1.46
N ASN B 17 14.83 -12.33 2.21
CA ASN B 17 14.90 -12.37 3.67
C ASN B 17 14.06 -13.49 4.29
N ALA B 18 12.83 -13.69 3.80
CA ALA B 18 11.98 -14.83 4.21
C ALA B 18 12.67 -16.19 3.96
N ALA B 19 13.40 -16.28 2.85
CA ALA B 19 14.24 -17.44 2.48
C ALA B 19 15.37 -17.65 3.47
N ILE B 20 16.11 -16.59 3.75
CA ILE B 20 17.21 -16.64 4.71
C ILE B 20 16.68 -17.11 6.07
N ARG B 21 15.58 -16.48 6.54
CA ARG B 21 14.94 -16.78 7.82
C ARG B 21 14.61 -18.26 7.94
N SER B 22 14.04 -18.79 6.87
CA SER B 22 13.64 -20.19 6.79
C SER B 22 14.80 -21.16 6.80
N VAL B 23 15.85 -20.88 6.04
CA VAL B 23 17.06 -21.72 6.10
C VAL B 23 17.61 -21.74 7.54
N VAL B 24 17.73 -20.57 8.14
CA VAL B 24 18.32 -20.45 9.49
C VAL B 24 17.46 -21.14 10.54
N ARG B 25 16.15 -20.88 10.53
CA ARG B 25 15.26 -21.44 11.54
C ARG B 25 15.08 -22.97 11.40
N LYS B 26 15.02 -23.44 10.16
CA LYS B 26 14.89 -24.87 9.83
C LYS B 26 16.14 -25.61 10.25
N ALA B 27 17.31 -25.05 9.93
CA ALA B 27 18.57 -25.65 10.38
C ALA B 27 18.66 -25.70 11.90
N ILE B 28 18.41 -24.59 12.56
CA ILE B 28 18.44 -24.53 14.02
C ILE B 28 17.40 -25.48 14.65
N TYR B 29 16.22 -25.60 14.07
CA TYR B 29 15.23 -26.58 14.54
C TYR B 29 15.80 -27.99 14.63
N HIS B 30 16.66 -28.34 13.67
CA HIS B 30 17.31 -29.66 13.63
C HIS B 30 18.69 -29.68 14.28
N GLY B 31 19.04 -28.61 14.99
CA GLY B 31 20.26 -28.55 15.77
C GLY B 31 21.51 -28.33 14.94
N VAL B 32 21.35 -27.66 13.81
CA VAL B 32 22.44 -27.37 12.90
C VAL B 32 22.74 -25.86 13.01
N GLU B 33 24.01 -25.50 13.05
CA GLU B 33 24.42 -24.11 13.05
C GLU B 33 24.32 -23.56 11.64
N VAL B 34 24.01 -22.27 11.52
CA VAL B 34 24.05 -21.60 10.22
C VAL B 34 24.97 -20.38 10.28
N TYR B 35 25.75 -20.20 9.22
CA TYR B 35 26.67 -19.09 9.07
C TYR B 35 26.27 -18.33 7.82
N GLY B 36 26.02 -17.04 7.97
CA GLY B 36 25.77 -16.17 6.83
C GLY B 36 27.05 -15.89 6.08
N VAL B 37 26.98 -15.98 4.75
CA VAL B 37 28.03 -15.54 3.86
C VAL B 37 27.49 -14.24 3.27
N TYR B 38 28.18 -13.15 3.57
CA TYR B 38 27.79 -11.83 3.12
C TYR B 38 28.39 -11.50 1.75
N HIS B 39 27.65 -10.73 0.96
CA HIS B 39 28.05 -10.29 -0.39
C HIS B 39 28.19 -11.40 -1.43
N GLY B 40 27.30 -12.39 -1.36
CA GLY B 40 27.29 -13.47 -2.33
C GLY B 40 28.59 -14.25 -2.36
N TYR B 41 28.97 -14.68 -3.57
CA TYR B 41 30.22 -15.43 -3.75
C TYR B 41 31.49 -14.60 -3.58
N ALA B 42 31.37 -13.28 -3.69
CA ALA B 42 32.51 -12.39 -3.48
C ALA B 42 32.93 -12.42 -2.02
N GLY B 43 31.95 -12.31 -1.12
CA GLY B 43 32.24 -12.41 0.30
C GLY B 43 32.62 -13.81 0.74
N LEU B 44 32.11 -14.83 0.03
CA LEU B 44 32.57 -16.21 0.22
C LEU B 44 34.08 -16.28 0.03
N ILE B 45 34.56 -15.85 -1.12
CA ILE B 45 36.01 -15.84 -1.41
C ILE B 45 36.80 -14.96 -0.42
N ALA B 46 36.21 -13.80 -0.06
CA ALA B 46 36.87 -12.84 0.85
C ALA B 46 36.82 -13.29 2.32
N GLY B 47 36.02 -14.30 2.62
CA GLY B 47 35.88 -14.82 3.98
C GLY B 47 34.93 -14.00 4.84
N ASN B 48 33.94 -13.39 4.19
CA ASN B 48 32.98 -12.51 4.86
C ASN B 48 31.78 -13.33 5.37
N ILE B 49 32.03 -14.04 6.47
CA ILE B 49 31.18 -15.11 6.93
C ILE B 49 30.97 -14.93 8.43
N LYS B 50 29.71 -14.97 8.87
CA LYS B 50 29.40 -14.76 10.27
C LYS B 50 28.22 -15.59 10.73
N LYS B 51 28.36 -16.27 11.87
CA LYS B 51 27.28 -17.05 12.42
C LYS B 51 25.99 -16.25 12.59
N LEU B 52 24.88 -16.89 12.17
CA LEU B 52 23.54 -16.38 12.32
C LEU B 52 22.87 -17.11 13.47
N GLU B 53 22.64 -16.39 14.56
CA GLU B 53 21.86 -16.90 15.69
C GLU B 53 20.35 -16.84 15.38
N VAL B 54 19.55 -17.42 16.26
CA VAL B 54 18.15 -17.70 15.98
C VAL B 54 17.19 -16.54 15.65
N GLY B 55 17.03 -15.46 16.41
CA GLY B 55 18.05 -14.56 16.84
C GLY B 55 18.11 -13.49 15.74
N ASP B 56 19.02 -13.73 14.81
CA ASP B 56 19.43 -12.75 13.83
C ASP B 56 18.53 -12.70 12.60
N VAL B 57 17.57 -13.61 12.52
CA VAL B 57 16.59 -13.60 11.44
C VAL B 57 15.19 -13.14 11.90
N GLY B 58 15.14 -12.61 13.12
CA GLY B 58 13.96 -11.93 13.63
C GLY B 58 13.67 -10.61 12.94
N ASP B 59 12.39 -10.34 12.71
CA ASP B 59 11.93 -9.13 12.01
C ASP B 59 12.58 -8.89 10.66
N ILE B 60 12.81 -9.97 9.91
CA ILE B 60 13.20 -9.87 8.50
C ILE B 60 12.19 -10.50 7.52
N ILE B 61 11.28 -11.35 7.97
CA ILE B 61 10.36 -12.03 7.06
C ILE B 61 9.63 -11.06 6.12
N HIS B 62 9.27 -9.90 6.65
CA HIS B 62 8.52 -8.86 5.92
C HIS B 62 9.35 -7.78 5.21
N ARG B 63 10.68 -7.91 5.26
CA ARG B 63 11.56 -6.89 4.74
C ARG B 63 12.12 -7.25 3.36
N GLY B 64 12.11 -6.26 2.46
CA GLY B 64 12.61 -6.43 1.11
C GLY B 64 14.12 -6.57 1.17
N GLY B 65 14.77 -6.84 0.06
CA GLY B 65 16.21 -6.85 0.03
C GLY B 65 16.77 -8.14 0.59
N THR B 66 18.04 -8.11 0.94
CA THR B 66 18.70 -9.23 1.60
C THR B 66 19.66 -8.69 2.67
N ILE B 67 19.58 -9.23 3.88
CA ILE B 67 20.47 -8.81 4.98
C ILE B 67 21.90 -9.28 4.81
N LEU B 68 22.08 -10.29 3.96
CA LEU B 68 23.41 -10.80 3.65
C LEU B 68 24.04 -10.06 2.48
N TYR B 69 23.29 -9.18 1.83
CA TYR B 69 23.73 -8.50 0.63
C TYR B 69 23.96 -9.44 -0.53
N THR B 70 24.01 -8.83 -1.70
CA THR B 70 24.31 -9.52 -2.95
C THR B 70 25.45 -8.74 -3.62
N ALA B 71 26.22 -9.45 -4.45
CA ALA B 71 27.30 -8.86 -5.24
C ALA B 71 27.57 -9.70 -6.50
N ARG B 72 28.39 -9.13 -7.39
CA ARG B 72 28.82 -9.78 -8.62
C ARG B 72 30.14 -10.45 -8.33
N CYS B 73 30.35 -11.63 -8.91
CA CYS B 73 31.59 -12.36 -8.70
C CYS B 73 32.06 -13.07 -9.96
N PRO B 74 32.83 -12.34 -10.79
CA PRO B 74 33.36 -12.95 -12.00
C PRO B 74 34.35 -14.05 -11.64
N GLU B 75 35.15 -13.81 -10.59
CA GLU B 75 36.10 -14.80 -10.07
C GLU B 75 35.52 -16.22 -9.93
N PHE B 76 34.28 -16.29 -9.46
CA PHE B 76 33.63 -17.58 -9.22
C PHE B 76 33.20 -18.29 -10.52
N LYS B 77 33.32 -17.62 -11.65
CA LYS B 77 33.22 -18.27 -12.96
C LYS B 77 34.55 -18.94 -13.37
N THR B 78 35.51 -19.01 -12.43
CA THR B 78 36.80 -19.62 -12.68
C THR B 78 37.11 -20.70 -11.64
N GLU B 79 37.87 -21.71 -12.05
CA GLU B 79 38.34 -22.80 -11.17
C GLU B 79 39.11 -22.30 -9.94
N GLU B 80 39.95 -21.28 -10.14
CA GLU B 80 40.74 -20.70 -9.06
C GLU B 80 39.85 -20.12 -7.95
N GLY B 81 38.84 -19.36 -8.36
CA GLY B 81 37.90 -18.71 -7.44
C GLY B 81 36.99 -19.70 -6.74
N GLN B 82 36.63 -20.76 -7.43
CA GLN B 82 35.85 -21.83 -6.81
C GLN B 82 36.64 -22.48 -5.68
N LYS B 83 37.93 -22.72 -5.91
CA LYS B 83 38.81 -23.34 -4.90
C LYS B 83 39.04 -22.45 -3.67
N LYS B 84 39.15 -21.13 -3.85
CA LYS B 84 39.26 -20.21 -2.71
C LYS B 84 37.97 -20.20 -1.90
N GLY B 85 36.84 -20.29 -2.60
CA GLY B 85 35.53 -20.43 -1.98
C GLY B 85 35.44 -21.68 -1.13
N ILE B 86 35.79 -22.82 -1.70
CA ILE B 86 35.74 -24.09 -0.98
C ILE B 86 36.68 -24.07 0.23
N GLU B 87 37.82 -23.40 0.09
CA GLU B 87 38.78 -23.32 1.19
C GLU B 87 38.26 -22.49 2.37
N GLN B 88 37.59 -21.39 2.06
CA GLN B 88 36.95 -20.55 3.09
C GLN B 88 35.83 -21.29 3.81
N LEU B 89 35.06 -22.09 3.06
CA LEU B 89 34.01 -22.93 3.63
C LEU B 89 34.61 -23.99 4.57
N LYS B 90 35.65 -24.66 4.11
CA LYS B 90 36.36 -25.63 4.97
C LYS B 90 36.90 -24.86 6.17
N LYS B 91 37.68 -23.81 5.91
CA LYS B 91 38.25 -22.97 6.97
C LYS B 91 37.25 -22.68 8.11
N HIS B 92 35.96 -22.55 7.76
CA HIS B 92 34.90 -22.21 8.73
C HIS B 92 33.99 -23.39 9.12
N GLY B 93 34.37 -24.60 8.75
CA GLY B 93 33.58 -25.79 9.10
C GLY B 93 32.18 -25.87 8.51
N ILE B 94 31.96 -25.24 7.36
CA ILE B 94 30.66 -25.25 6.72
C ILE B 94 30.56 -26.48 5.83
N GLU B 95 29.57 -27.32 6.09
CA GLU B 95 29.52 -28.64 5.43
C GLU B 95 28.64 -28.66 4.19
N GLY B 96 27.68 -27.74 4.15
CA GLY B 96 26.77 -27.55 3.02
C GLY B 96 26.40 -26.08 2.87
N LEU B 97 25.96 -25.69 1.69
CA LEU B 97 25.66 -24.29 1.39
C LEU B 97 24.32 -24.14 0.69
N VAL B 98 23.47 -23.25 1.19
CA VAL B 98 22.25 -22.88 0.45
C VAL B 98 22.48 -21.56 -0.29
N VAL B 99 22.20 -21.60 -1.59
CA VAL B 99 22.38 -20.44 -2.44
C VAL B 99 21.01 -19.93 -2.93
N ILE B 100 20.64 -18.74 -2.50
CA ILE B 100 19.37 -18.10 -2.88
C ILE B 100 19.68 -17.02 -3.91
N GLY B 101 19.11 -17.13 -5.09
CA GLY B 101 19.42 -16.19 -6.17
C GLY B 101 19.00 -16.63 -7.55
N GLY B 102 19.66 -16.07 -8.53
CA GLY B 102 19.32 -16.32 -9.92
C GLY B 102 20.17 -17.38 -10.58
N ASP B 103 20.33 -17.18 -11.90
CA ASP B 103 21.05 -18.14 -12.69
C ASP B 103 22.53 -18.07 -12.42
N GLY B 104 23.04 -16.87 -12.17
CA GLY B 104 24.39 -16.73 -11.68
C GLY B 104 24.63 -17.65 -10.50
N SER B 105 23.76 -17.56 -9.50
CA SER B 105 23.94 -18.33 -8.28
C SER B 105 23.88 -19.86 -8.52
N TYR B 106 23.04 -20.28 -9.46
CA TYR B 106 22.90 -21.70 -9.79
C TYR B 106 24.13 -22.26 -10.46
N GLN B 107 24.74 -21.46 -11.33
CA GLN B 107 25.96 -21.90 -12.00
C GLN B 107 27.08 -22.18 -10.96
N GLY B 108 27.20 -21.32 -9.95
CA GLY B 108 28.18 -21.53 -8.90
C GLY B 108 27.89 -22.76 -8.07
N ALA B 109 26.60 -23.04 -7.86
CA ALA B 109 26.14 -24.20 -7.11
C ALA B 109 26.47 -25.50 -7.86
N LYS B 110 26.26 -25.50 -9.17
CA LYS B 110 26.67 -26.61 -10.04
C LYS B 110 28.18 -26.82 -10.03
N LYS B 111 28.95 -25.72 -10.00
CA LYS B 111 30.41 -25.82 -9.94
C LYS B 111 30.92 -26.38 -8.61
N LEU B 112 30.42 -25.85 -7.49
CA LEU B 112 30.68 -26.42 -6.17
C LEU B 112 30.30 -27.89 -6.13
N THR B 113 29.24 -28.24 -6.88
CA THR B 113 28.76 -29.61 -6.98
C THR B 113 29.75 -30.51 -7.71
N GLU B 114 30.14 -30.11 -8.94
CA GLU B 114 31.22 -30.76 -9.67
C GLU B 114 32.47 -30.94 -8.80
N HIS B 115 32.68 -30.01 -7.87
CA HIS B 115 33.81 -30.07 -6.94
C HIS B 115 33.54 -30.89 -5.68
N GLY B 116 32.36 -31.50 -5.57
CA GLY B 116 32.04 -32.38 -4.45
C GLY B 116 31.39 -31.71 -3.25
N PHE B 117 31.37 -30.37 -3.22
CA PHE B 117 30.76 -29.64 -2.11
C PHE B 117 29.24 -29.56 -2.20
N PRO B 118 28.52 -30.07 -1.18
CA PRO B 118 27.06 -30.05 -1.21
C PRO B 118 26.45 -28.65 -1.20
N CYS B 119 25.60 -28.37 -2.19
CA CYS B 119 24.98 -27.07 -2.38
CA CYS B 119 24.96 -27.08 -2.35
C CYS B 119 23.56 -27.26 -2.89
N VAL B 120 22.63 -26.41 -2.43
CA VAL B 120 21.27 -26.41 -2.92
C VAL B 120 20.89 -24.98 -3.32
N GLY B 121 20.41 -24.84 -4.54
CA GLY B 121 19.98 -23.59 -5.09
C GLY B 121 18.52 -23.39 -4.83
N VAL B 122 18.18 -22.18 -4.38
CA VAL B 122 16.83 -21.72 -4.15
C VAL B 122 16.55 -20.53 -5.09
N PRO B 123 15.42 -20.54 -5.82
CA PRO B 123 15.13 -19.52 -6.85
C PRO B 123 14.65 -18.17 -6.31
N GLY B 124 15.59 -17.24 -6.19
CA GLY B 124 15.30 -15.87 -5.76
C GLY B 124 15.63 -14.85 -6.82
N THR B 125 14.62 -14.48 -7.59
CA THR B 125 14.71 -13.43 -8.61
C THR B 125 13.29 -13.00 -9.01
N ILE B 126 13.13 -11.77 -9.51
CA ILE B 126 11.80 -11.23 -9.87
C ILE B 126 11.37 -11.64 -11.28
N ASP B 127 12.31 -12.11 -12.10
CA ASP B 127 12.03 -12.26 -13.54
C ASP B 127 11.38 -13.61 -13.93
N ASN B 128 11.30 -14.51 -12.96
CA ASN B 128 10.69 -15.82 -13.08
C ASN B 128 11.50 -16.76 -14.01
N ASP B 129 12.68 -16.35 -14.43
CA ASP B 129 13.44 -17.05 -15.45
C ASP B 129 14.49 -17.89 -14.75
N ILE B 130 14.03 -18.91 -14.01
CA ILE B 130 14.90 -19.92 -13.37
C ILE B 130 14.21 -21.28 -13.59
N PRO B 131 14.98 -22.30 -14.01
CA PRO B 131 14.36 -23.61 -14.26
C PRO B 131 14.13 -24.38 -12.98
N GLY B 132 13.42 -25.50 -13.07
CA GLY B 132 13.05 -26.30 -11.90
C GLY B 132 11.98 -25.72 -10.99
N THR B 133 11.27 -24.69 -11.49
CA THR B 133 10.25 -24.00 -10.76
C THR B 133 9.32 -23.22 -11.71
N ASP B 134 8.02 -23.31 -11.45
CA ASP B 134 7.02 -22.50 -12.15
C ASP B 134 7.15 -21.03 -11.75
N PHE B 135 7.42 -20.79 -10.48
CA PHE B 135 7.54 -19.44 -9.92
C PHE B 135 8.82 -19.26 -9.11
N THR B 136 9.45 -18.10 -9.28
CA THR B 136 10.64 -17.72 -8.53
C THR B 136 10.22 -16.79 -7.41
N ILE B 137 11.04 -16.73 -6.35
CA ILE B 137 10.76 -15.91 -5.18
C ILE B 137 11.08 -14.46 -5.53
N GLY B 138 10.06 -13.63 -5.56
CA GLY B 138 10.15 -12.21 -5.93
C GLY B 138 9.24 -11.81 -7.07
N PHE B 139 8.83 -12.81 -7.83
CA PHE B 139 8.03 -12.61 -9.04
C PHE B 139 6.66 -12.02 -8.74
N ASP B 140 5.90 -12.66 -7.88
CA ASP B 140 4.59 -12.14 -7.45
C ASP B 140 4.63 -10.70 -6.94
N THR B 141 5.64 -10.39 -6.15
CA THR B 141 5.80 -9.04 -5.60
C THR B 141 6.04 -8.03 -6.70
N ALA B 142 6.94 -8.36 -7.63
CA ALA B 142 7.19 -7.51 -8.77
C ALA B 142 5.91 -7.27 -9.57
N LEU B 143 5.07 -8.30 -9.75
CA LEU B 143 3.82 -8.13 -10.49
C LEU B 143 2.97 -7.08 -9.84
N ASN B 144 2.96 -7.12 -8.53
CA ASN B 144 2.14 -6.20 -7.77
C ASN B 144 2.68 -4.77 -7.79
N THR B 145 4.01 -4.64 -7.77
CA THR B 145 4.66 -3.37 -8.01
C THR B 145 4.31 -2.79 -9.40
N VAL B 146 4.28 -3.64 -10.43
CA VAL B 146 3.96 -3.17 -11.77
C VAL B 146 2.51 -2.70 -11.81
N ILE B 147 1.60 -3.46 -11.23
CA ILE B 147 0.17 -3.11 -11.37
C ILE B 147 -0.22 -1.91 -10.50
N ASP B 148 0.54 -1.62 -9.45
CA ASP B 148 0.36 -0.38 -8.69
C ASP B 148 0.48 0.82 -9.63
N ALA B 149 1.49 0.77 -10.49
CA ALA B 149 1.75 1.83 -11.45
C ALA B 149 0.64 1.92 -12.49
N ILE B 150 0.29 0.77 -13.07
CA ILE B 150 -0.72 0.70 -14.11
C ILE B 150 -2.02 1.25 -13.59
N ASP B 151 -2.43 0.81 -12.40
CA ASP B 151 -3.61 1.31 -11.69
C ASP B 151 -3.62 2.81 -11.50
N LYS B 152 -2.49 3.37 -11.08
CA LYS B 152 -2.36 4.83 -10.90
C LYS B 152 -2.49 5.58 -12.24
N ILE B 153 -1.86 5.04 -13.28
CA ILE B 153 -1.99 5.57 -14.64
C ILE B 153 -3.43 5.61 -15.19
N ARG B 154 -4.26 4.64 -14.83
CA ARG B 154 -5.68 4.67 -15.25
C ARG B 154 -6.40 5.93 -14.84
N ASP B 155 -6.15 6.39 -13.62
CA ASP B 155 -6.74 7.64 -13.06
C ASP B 155 -6.29 8.90 -13.80
N THR B 156 -5.20 8.81 -14.54
CA THR B 156 -4.53 9.93 -15.17
C THR B 156 -5.04 10.26 -16.60
N ALA B 157 -5.90 9.40 -17.15
CA ALA B 157 -6.34 9.47 -18.53
C ALA B 157 -7.16 10.73 -18.86
N THR B 158 -7.01 11.18 -20.10
CA THR B 158 -7.76 12.30 -20.68
C THR B 158 -8.12 11.89 -22.12
N SER B 159 -8.88 12.73 -22.81
CA SER B 159 -8.99 12.62 -24.28
C SER B 159 -7.62 12.90 -24.93
N HIS B 160 -7.00 14.01 -24.52
CA HIS B 160 -5.66 14.41 -24.98
C HIS B 160 -4.65 13.26 -24.92
N GLU B 161 -4.34 12.80 -23.70
CA GLU B 161 -3.41 11.67 -23.48
C GLU B 161 -4.09 10.43 -22.87
N ARG B 162 -4.42 9.49 -23.73
CA ARG B 162 -5.05 8.23 -23.34
C ARG B 162 -4.16 7.01 -23.70
N THR B 163 -2.94 7.25 -24.17
CA THR B 163 -2.04 6.18 -24.64
C THR B 163 -0.77 6.14 -23.80
N TYR B 164 -0.52 4.98 -23.19
CA TYR B 164 0.56 4.83 -22.21
C TYR B 164 1.42 3.61 -22.48
N VAL B 165 2.74 3.80 -22.45
CA VAL B 165 3.71 2.70 -22.52
C VAL B 165 4.37 2.55 -21.16
N ILE B 166 4.37 1.33 -20.64
CA ILE B 166 5.13 1.01 -19.45
C ILE B 166 6.16 -0.07 -19.80
N GLU B 167 7.42 0.26 -19.53
CA GLU B 167 8.52 -0.69 -19.67
C GLU B 167 8.83 -1.35 -18.33
N VAL B 168 8.69 -2.67 -18.29
CA VAL B 168 8.90 -3.47 -17.08
C VAL B 168 10.19 -4.31 -17.23
N MET B 169 10.67 -4.85 -16.12
CA MET B 169 11.84 -5.73 -16.16
C MET B 169 11.51 -7.14 -16.70
N GLY B 170 12.50 -8.02 -16.65
CA GLY B 170 12.31 -9.38 -17.13
C GLY B 170 13.57 -9.97 -17.67
N ARG B 171 14.48 -9.11 -18.12
CA ARG B 171 15.78 -9.49 -18.66
C ARG B 171 15.42 -10.16 -19.96
N HIS B 172 15.57 -11.48 -20.08
CA HIS B 172 15.20 -12.21 -21.30
C HIS B 172 13.81 -12.81 -21.29
N ALA B 173 13.09 -12.66 -20.19
CA ALA B 173 11.85 -13.37 -20.02
C ALA B 173 10.66 -12.40 -20.03
N GLY B 174 9.56 -12.79 -20.65
CA GLY B 174 8.37 -11.96 -20.73
C GLY B 174 7.35 -12.17 -19.63
N ASP B 175 7.70 -12.96 -18.62
CA ASP B 175 6.76 -13.31 -17.53
C ASP B 175 6.17 -12.08 -16.82
N ILE B 176 7.02 -11.14 -16.43
CA ILE B 176 6.53 -9.94 -15.74
C ILE B 176 5.57 -9.14 -16.62
N ALA B 177 5.94 -8.96 -17.89
CA ALA B 177 5.09 -8.26 -18.88
C ALA B 177 3.76 -8.99 -19.14
N LEU B 178 3.83 -10.32 -19.29
CA LEU B 178 2.63 -11.12 -19.56
C LEU B 178 1.66 -11.08 -18.39
N TRP B 179 2.19 -11.41 -17.24
CA TRP B 179 1.32 -11.51 -16.06
C TRP B 179 0.83 -10.13 -15.59
N SER B 180 1.71 -9.14 -15.54
CA SER B 180 1.29 -7.81 -15.16
C SER B 180 0.39 -7.18 -16.23
N GLY B 181 0.65 -7.49 -17.48
CA GLY B 181 -0.21 -7.01 -18.56
C GLY B 181 -1.63 -7.51 -18.44
N LEU B 182 -1.80 -8.80 -18.22
CA LEU B 182 -3.11 -9.41 -18.03
C LEU B 182 -3.83 -8.86 -16.78
N ALA B 183 -3.12 -8.82 -15.67
CA ALA B 183 -3.62 -8.26 -14.40
C ALA B 183 -4.01 -6.77 -14.50
N GLY B 184 -3.33 -6.06 -15.38
CA GLY B 184 -3.51 -4.62 -15.54
C GLY B 184 -4.45 -4.22 -16.63
N GLY B 185 -4.95 -5.17 -17.41
CA GLY B 185 -5.79 -4.83 -18.56
C GLY B 185 -5.08 -4.14 -19.70
N ALA B 186 -3.80 -4.46 -19.87
CA ALA B 186 -3.00 -3.97 -20.99
C ALA B 186 -3.60 -4.41 -22.33
N GLU B 187 -3.63 -3.48 -23.28
CA GLU B 187 -4.13 -3.73 -24.63
C GLU B 187 -3.10 -4.48 -25.45
N THR B 188 -1.84 -4.09 -25.30
CA THR B 188 -0.75 -4.79 -25.95
C THR B 188 0.34 -5.07 -24.94
N ILE B 189 0.92 -6.27 -25.06
CA ILE B 189 2.00 -6.76 -24.22
C ILE B 189 3.05 -7.25 -25.20
N LEU B 190 4.25 -6.69 -25.14
CA LEU B 190 5.33 -7.10 -26.03
C LEU B 190 6.32 -7.95 -25.24
N ILE B 191 6.44 -9.23 -25.63
CA ILE B 191 7.33 -10.16 -24.94
C ILE B 191 8.25 -10.90 -25.91
N PRO B 192 9.44 -11.33 -25.42
CA PRO B 192 10.39 -12.13 -26.17
C PRO B 192 9.84 -13.43 -26.74
N GLU B 193 8.90 -14.06 -26.04
CA GLU B 193 8.43 -15.40 -26.39
C GLU B 193 7.32 -15.46 -27.43
N ALA B 194 6.90 -14.32 -27.95
CA ALA B 194 5.81 -14.29 -28.91
C ALA B 194 5.98 -13.12 -29.85
N ASP B 195 5.78 -13.42 -31.14
CA ASP B 195 5.82 -12.42 -32.19
C ASP B 195 4.76 -11.35 -31.98
N TYR B 196 5.08 -10.14 -32.41
CA TYR B 196 4.11 -9.06 -32.47
C TYR B 196 4.30 -8.37 -33.81
N ASP B 197 3.28 -7.62 -34.20
CA ASP B 197 3.27 -6.84 -35.43
C ASP B 197 2.84 -5.41 -35.04
N MET B 198 3.71 -4.44 -35.29
CA MET B 198 3.45 -3.04 -34.89
C MET B 198 2.22 -2.43 -35.56
N ASN B 199 1.95 -2.82 -36.82
CA ASN B 199 0.74 -2.39 -37.52
C ASN B 199 -0.54 -2.97 -36.89
N ASP B 200 -0.46 -4.20 -36.40
CA ASP B 200 -1.57 -4.80 -35.65
C ASP B 200 -1.67 -4.10 -34.27
N VAL B 201 -0.53 -3.70 -33.72
CA VAL B 201 -0.54 -2.94 -32.47
C VAL B 201 -1.24 -1.60 -32.71
N ILE B 202 -0.81 -0.87 -33.74
CA ILE B 202 -1.47 0.38 -34.15
C ILE B 202 -2.96 0.19 -34.53
N ALA B 203 -3.29 -0.89 -35.22
CA ALA B 203 -4.67 -1.15 -35.65
C ALA B 203 -5.60 -1.36 -34.44
N ARG B 204 -5.15 -2.14 -33.46
CA ARG B 204 -5.94 -2.38 -32.25
C ARG B 204 -6.11 -1.09 -31.43
N LEU B 205 -5.07 -0.27 -31.41
CA LEU B 205 -5.10 0.99 -30.69
C LEU B 205 -6.16 1.95 -31.24
N LYS B 206 -6.20 2.11 -32.56
CA LYS B 206 -7.21 2.96 -33.20
C LYS B 206 -8.60 2.34 -33.04
N ARG B 207 -8.71 1.04 -33.29
CA ARG B 207 -9.95 0.29 -33.09
C ARG B 207 -10.54 0.52 -31.68
N GLY B 208 -9.67 0.62 -30.68
CA GLY B 208 -10.06 0.85 -29.30
C GLY B 208 -10.54 2.27 -29.06
N HIS B 209 -9.73 3.24 -29.49
CA HIS B 209 -10.08 4.66 -29.40
C HIS B 209 -11.42 4.92 -30.11
N GLU B 210 -11.59 4.32 -31.29
CA GLU B 210 -12.86 4.36 -32.03
C GLU B 210 -14.02 4.01 -31.12
N ARG B 211 -14.05 2.77 -30.66
CA ARG B 211 -15.18 2.25 -29.89
C ARG B 211 -15.30 2.91 -28.50
N GLY B 212 -14.49 3.93 -28.24
CA GLY B 212 -14.63 4.76 -27.06
C GLY B 212 -13.85 4.30 -25.83
N LYS B 213 -12.99 3.29 -25.99
CA LYS B 213 -12.07 2.86 -24.92
C LYS B 213 -11.39 4.09 -24.33
N LYS B 214 -11.45 4.21 -22.99
CA LYS B 214 -11.01 5.43 -22.31
C LYS B 214 -9.50 5.65 -22.44
N HIS B 215 -8.74 4.56 -22.48
CA HIS B 215 -7.29 4.63 -22.59
C HIS B 215 -6.70 3.30 -23.01
N SER B 216 -5.51 3.35 -23.63
CA SER B 216 -4.78 2.14 -24.02
C SER B 216 -3.48 2.06 -23.23
N ILE B 217 -3.26 0.92 -22.60
CA ILE B 217 -2.04 0.66 -21.86
C ILE B 217 -1.24 -0.41 -22.60
N ILE B 218 0.03 -0.13 -22.86
CA ILE B 218 0.90 -1.04 -23.57
C ILE B 218 2.07 -1.39 -22.65
N ILE B 219 2.28 -2.68 -22.43
CA ILE B 219 3.39 -3.14 -21.58
C ILE B 219 4.50 -3.68 -22.48
N VAL B 220 5.74 -3.29 -22.18
CA VAL B 220 6.90 -3.71 -22.98
C VAL B 220 7.95 -4.35 -22.06
N ALA B 221 8.23 -5.63 -22.27
CA ALA B 221 9.33 -6.29 -21.59
C ALA B 221 10.65 -5.68 -22.08
N GLU B 222 11.53 -5.35 -21.14
CA GLU B 222 12.78 -4.66 -21.46
C GLU B 222 13.66 -5.46 -22.45
N GLY B 223 13.56 -6.79 -22.39
CA GLY B 223 14.27 -7.67 -23.33
C GLY B 223 13.76 -7.61 -24.76
N VAL B 224 12.54 -7.14 -24.97
CA VAL B 224 12.00 -6.85 -26.30
C VAL B 224 12.61 -5.55 -26.87
N GLY B 225 12.73 -4.53 -26.02
CA GLY B 225 13.27 -3.25 -26.44
C GLY B 225 12.99 -2.15 -25.43
N SER B 226 13.07 -0.89 -25.90
CA SER B 226 12.87 0.29 -25.06
C SER B 226 11.46 0.88 -25.23
N GLY B 227 10.76 1.07 -24.12
CA GLY B 227 9.46 1.73 -24.13
C GLY B 227 9.50 3.06 -24.87
N VAL B 228 10.60 3.80 -24.68
CA VAL B 228 10.80 5.11 -25.32
C VAL B 228 10.69 5.05 -26.85
N ASP B 229 11.36 4.07 -27.44
CA ASP B 229 11.31 3.87 -28.89
C ASP B 229 9.93 3.44 -29.38
N PHE B 230 9.26 2.57 -28.61
CA PHE B 230 7.94 2.07 -29.00
C PHE B 230 6.89 3.18 -28.92
N GLY B 231 6.98 4.00 -27.87
CA GLY B 231 6.10 5.14 -27.69
C GLY B 231 6.25 6.19 -28.78
N ARG B 232 7.50 6.41 -29.19
CA ARG B 232 7.78 7.28 -30.32
C ARG B 232 7.14 6.75 -31.60
N GLN B 233 7.46 5.50 -31.96
CA GLN B 233 6.85 4.82 -33.11
C GLN B 233 5.33 4.99 -33.15
N ILE B 234 4.69 4.80 -32.00
CA ILE B 234 3.23 4.88 -31.86
C ILE B 234 2.69 6.31 -31.97
N GLN B 235 3.38 7.26 -31.33
CA GLN B 235 3.03 8.68 -31.44
C GLN B 235 3.18 9.15 -32.89
N GLU B 236 4.28 8.77 -33.53
CA GLU B 236 4.58 9.19 -34.90
C GLU B 236 3.74 8.51 -35.99
N ALA B 237 3.13 7.36 -35.69
CA ALA B 237 2.27 6.65 -36.67
C ALA B 237 0.79 7.00 -36.53
N THR B 238 0.31 7.17 -35.30
CA THR B 238 -1.10 7.47 -35.03
C THR B 238 -1.37 8.96 -34.79
N GLY B 239 -0.35 9.71 -34.38
CA GLY B 239 -0.52 11.08 -33.91
C GLY B 239 -1.01 11.20 -32.46
N PHE B 240 -1.38 10.09 -31.84
CA PHE B 240 -1.87 10.08 -30.46
C PHE B 240 -0.72 10.35 -29.50
N GLU B 241 -0.92 11.25 -28.53
CA GLU B 241 0.13 11.55 -27.54
C GLU B 241 0.38 10.35 -26.61
N THR B 242 1.63 9.91 -26.56
CA THR B 242 2.02 8.68 -25.90
C THR B 242 3.01 8.98 -24.80
N ARG B 243 2.65 8.59 -23.56
CA ARG B 243 3.49 8.83 -22.35
C ARG B 243 4.14 7.53 -21.88
N VAL B 244 5.47 7.51 -21.83
CA VAL B 244 6.25 6.35 -21.39
C VAL B 244 6.67 6.44 -19.93
N THR B 245 6.37 5.39 -19.16
CA THR B 245 6.94 5.17 -17.82
C THR B 245 7.90 3.99 -17.93
N VAL B 246 9.11 4.16 -17.42
CA VAL B 246 10.08 3.10 -17.29
C VAL B 246 10.25 2.94 -15.77
N LEU B 247 9.73 1.84 -15.24
CA LEU B 247 9.74 1.61 -13.80
C LEU B 247 11.12 1.37 -13.20
N GLY B 248 11.94 0.60 -13.91
CA GLY B 248 13.25 0.21 -13.38
C GLY B 248 13.29 -0.63 -12.09
N HIS B 249 14.39 -0.45 -11.36
CA HIS B 249 14.78 -1.28 -10.21
C HIS B 249 13.88 -1.22 -9.00
N VAL B 250 12.93 -0.29 -8.99
CA VAL B 250 11.79 -0.33 -8.07
C VAL B 250 11.12 -1.73 -8.04
N GLN B 251 11.14 -2.42 -9.19
CA GLN B 251 10.58 -3.75 -9.30
C GLN B 251 11.23 -4.80 -8.41
N ARG B 252 12.50 -4.60 -8.03
CA ARG B 252 13.25 -5.53 -7.16
C ARG B 252 13.10 -5.24 -5.68
N GLY B 253 12.52 -4.08 -5.36
CA GLY B 253 12.33 -3.64 -3.99
C GLY B 253 10.94 -3.85 -3.47
N GLY B 254 10.82 -3.62 -2.16
CA GLY B 254 9.58 -3.74 -1.45
C GLY B 254 9.50 -4.98 -0.59
N SER B 255 8.50 -4.93 0.27
CA SER B 255 8.18 -6.01 1.15
C SER B 255 7.53 -7.07 0.28
N PRO B 256 7.93 -8.34 0.48
CA PRO B 256 7.31 -9.40 -0.31
C PRO B 256 5.84 -9.60 0.01
N THR B 257 5.10 -10.03 -1.00
CA THR B 257 3.74 -10.50 -0.86
C THR B 257 3.64 -11.81 -0.03
N ALA B 258 2.42 -12.13 0.41
CA ALA B 258 2.10 -13.38 1.08
C ALA B 258 2.65 -14.57 0.30
N PHE B 259 2.32 -14.66 -1.00
CA PHE B 259 2.76 -15.81 -1.79
CA PHE B 259 2.77 -15.79 -1.83
C PHE B 259 4.30 -15.90 -1.84
N ASP B 260 4.98 -14.76 -2.03
CA ASP B 260 6.47 -14.84 -2.03
C ASP B 260 7.04 -15.30 -0.70
N ARG B 261 6.43 -14.85 0.38
CA ARG B 261 6.87 -15.30 1.71
C ARG B 261 6.58 -16.75 1.99
N VAL B 262 5.44 -17.23 1.55
CA VAL B 262 5.14 -18.63 1.74
C VAL B 262 6.12 -19.49 0.96
N LEU B 263 6.31 -19.16 -0.33
CA LEU B 263 7.18 -19.88 -1.24
C LEU B 263 8.61 -19.87 -0.71
N ALA B 264 9.10 -18.71 -0.32
CA ALA B 264 10.44 -18.55 0.26
C ALA B 264 10.63 -19.43 1.50
N SER B 265 9.62 -19.47 2.37
CA SER B 265 9.67 -20.24 3.60
C SER B 265 9.71 -21.74 3.32
N ARG B 266 8.92 -22.19 2.36
CA ARG B 266 8.83 -23.61 2.01
C ARG B 266 10.08 -24.07 1.30
N LEU B 267 10.55 -23.26 0.35
CA LEU B 267 11.72 -23.63 -0.45
C LEU B 267 13.00 -23.59 0.34
N GLY B 268 13.13 -22.61 1.24
CA GLY B 268 14.29 -22.50 2.14
C GLY B 268 14.47 -23.70 3.06
N ALA B 269 13.38 -24.08 3.74
CA ALA B 269 13.30 -25.27 4.61
C ALA B 269 13.58 -26.54 3.81
N ARG B 270 12.96 -26.64 2.65
CA ARG B 270 13.19 -27.79 1.80
C ARG B 270 14.66 -27.90 1.42
N ALA B 271 15.31 -26.75 1.18
CA ALA B 271 16.73 -26.75 0.79
C ALA B 271 17.65 -27.31 1.86
N VAL B 272 17.38 -26.96 3.12
CA VAL B 272 18.12 -27.47 4.27
C VAL B 272 17.87 -28.98 4.46
N GLU B 273 16.62 -29.41 4.32
CA GLU B 273 16.28 -30.84 4.36
C GLU B 273 17.13 -31.64 3.39
N LEU B 274 17.27 -31.16 2.17
CA LEU B 274 18.04 -31.87 1.15
C LEU B 274 19.50 -32.00 1.56
N LEU B 275 20.09 -30.95 2.09
CA LEU B 275 21.47 -31.03 2.59
C LEU B 275 21.60 -32.09 3.70
N LEU B 276 20.69 -32.07 4.67
CA LEU B 276 20.75 -33.00 5.80
C LEU B 276 20.43 -34.46 5.38
N GLU B 277 19.64 -34.60 4.31
CA GLU B 277 19.34 -35.89 3.67
C GLU B 277 20.50 -36.47 2.83
N GLY B 278 21.60 -35.71 2.74
CA GLY B 278 22.81 -36.15 2.07
C GLY B 278 22.83 -35.87 0.58
N LYS B 279 21.92 -35.01 0.12
CA LYS B 279 21.91 -34.59 -1.28
C LYS B 279 22.74 -33.31 -1.48
N GLY B 280 22.88 -32.94 -2.73
CA GLY B 280 23.62 -31.76 -3.09
C GLY B 280 23.61 -31.71 -4.58
N GLY B 281 23.78 -30.50 -5.13
CA GLY B 281 23.69 -30.31 -6.56
C GLY B 281 22.25 -30.41 -7.01
N ARG B 282 21.33 -30.02 -6.13
CA ARG B 282 19.94 -29.90 -6.45
C ARG B 282 19.48 -28.45 -6.41
N CYS B 283 18.41 -28.15 -7.13
CA CYS B 283 17.70 -26.89 -6.96
C CYS B 283 16.22 -27.19 -6.66
N VAL B 284 15.63 -26.37 -5.80
CA VAL B 284 14.24 -26.56 -5.41
C VAL B 284 13.27 -25.65 -6.15
N GLY B 285 11.99 -26.00 -6.14
CA GLY B 285 10.99 -25.15 -6.72
C GLY B 285 9.60 -25.66 -6.45
N ILE B 286 8.62 -24.98 -7.03
CA ILE B 286 7.23 -25.37 -7.05
C ILE B 286 6.87 -25.57 -8.50
N GLN B 287 6.35 -26.76 -8.82
CA GLN B 287 5.86 -27.11 -10.15
C GLN B 287 4.55 -27.81 -9.97
N ASN B 288 3.54 -27.35 -10.71
CA ASN B 288 2.20 -27.88 -10.58
C ASN B 288 1.74 -27.90 -9.12
N ASN B 289 2.07 -26.82 -8.41
CA ASN B 289 1.63 -26.57 -7.04
C ASN B 289 2.07 -27.61 -6.04
N GLN B 290 3.23 -28.19 -6.30
CA GLN B 290 3.83 -29.16 -5.42
C GLN B 290 5.31 -28.81 -5.34
N LEU B 291 5.92 -29.09 -4.20
CA LEU B 291 7.34 -28.82 -4.04
C LEU B 291 8.15 -29.91 -4.74
N VAL B 292 9.23 -29.49 -5.39
CA VAL B 292 10.04 -30.36 -6.25
C VAL B 292 11.50 -30.05 -6.05
N ASP B 293 12.35 -30.99 -6.40
CA ASP B 293 13.77 -30.69 -6.55
C ASP B 293 14.32 -31.44 -7.75
N HIS B 294 15.42 -30.92 -8.31
CA HIS B 294 16.02 -31.46 -9.53
C HIS B 294 17.53 -31.25 -9.47
N ASP B 295 18.24 -32.13 -10.12
CA ASP B 295 19.67 -31.95 -10.39
C ASP B 295 19.88 -30.57 -11.05
N ILE B 296 20.85 -29.80 -10.55
CA ILE B 296 21.04 -28.42 -11.02
C ILE B 296 21.35 -28.37 -12.53
N ALA B 297 22.32 -29.16 -12.99
CA ALA B 297 22.77 -29.13 -14.39
C ALA B 297 21.70 -29.57 -15.38
N GLU B 298 20.94 -30.60 -15.01
CA GLU B 298 19.76 -31.00 -15.77
C GLU B 298 18.75 -29.86 -15.87
N ALA B 299 18.35 -29.30 -14.75
CA ALA B 299 17.44 -28.16 -14.75
C ALA B 299 17.95 -27.00 -15.63
N LEU B 300 19.23 -26.65 -15.51
CA LEU B 300 19.79 -25.50 -16.24
C LEU B 300 19.74 -25.65 -17.76
N ALA B 301 19.69 -26.89 -18.24
CA ALA B 301 19.62 -27.21 -19.65
C ALA B 301 18.21 -26.99 -20.27
N ASN B 302 17.20 -26.88 -19.42
CA ASN B 302 15.83 -26.60 -19.86
C ASN B 302 15.69 -25.14 -20.28
N LYS B 303 15.00 -24.92 -21.39
CA LYS B 303 14.67 -23.58 -21.86
C LYS B 303 13.41 -23.07 -21.16
N HIS B 304 13.34 -21.76 -20.96
CA HIS B 304 12.19 -21.11 -20.33
C HIS B 304 11.04 -20.92 -21.32
N THR B 305 9.81 -21.22 -20.89
CA THR B 305 8.64 -20.98 -21.71
C THR B 305 7.63 -20.20 -20.87
N ILE B 306 6.70 -19.54 -21.54
CA ILE B 306 5.55 -18.90 -20.90
C ILE B 306 4.23 -19.54 -21.36
N ASP B 307 3.13 -19.26 -20.67
CA ASP B 307 1.83 -19.82 -21.07
C ASP B 307 1.30 -19.03 -22.25
N GLN B 308 1.31 -19.66 -23.41
CA GLN B 308 0.94 -18.99 -24.65
C GLN B 308 -0.57 -18.76 -24.74
N ARG B 309 -1.34 -19.60 -24.04
CA ARG B 309 -2.78 -19.44 -23.94
C ARG B 309 -3.17 -18.19 -23.15
N MET B 310 -2.48 -17.95 -22.05
CA MET B 310 -2.53 -16.69 -21.31
C MET B 310 -2.20 -15.47 -22.14
N TYR B 311 -1.15 -15.56 -22.95
CA TYR B 311 -0.86 -14.51 -23.90
C TYR B 311 -2.02 -14.24 -24.89
N ALA B 312 -2.63 -15.30 -25.41
CA ALA B 312 -3.77 -15.18 -26.34
C ALA B 312 -4.98 -14.57 -25.63
N LEU B 313 -5.23 -15.06 -24.42
CA LEU B 313 -6.28 -14.53 -23.58
C LEU B 313 -6.15 -13.03 -23.37
N SER B 314 -4.95 -12.58 -23.08
CA SER B 314 -4.74 -11.17 -22.78
C SER B 314 -5.16 -10.33 -23.98
N LYS B 315 -4.97 -10.86 -25.17
CA LYS B 315 -5.38 -10.17 -26.37
C LYS B 315 -6.90 -10.11 -26.49
N GLU B 316 -7.56 -11.23 -26.18
CA GLU B 316 -9.02 -11.36 -26.29
C GLU B 316 -9.77 -10.43 -25.35
N LEU B 317 -9.22 -10.22 -24.16
CA LEU B 317 -9.89 -9.43 -23.14
C LEU B 317 -9.78 -7.91 -23.32
N SER B 318 -8.83 -7.45 -24.13
CA SER B 318 -8.54 -6.01 -24.27
C SER B 318 -9.26 -5.32 -25.44
N ILE B 319 -10.10 -6.06 -26.15
CA ILE B 319 -10.97 -5.49 -27.16
C ILE B 319 -11.80 -4.33 -26.59
N MET C 1 -28.10 31.54 -3.87
CA MET C 1 -28.42 30.82 -5.12
C MET C 1 -29.15 29.49 -4.88
N LYS C 2 -29.81 29.00 -5.93
CA LYS C 2 -30.58 27.77 -5.91
C LYS C 2 -29.83 26.63 -6.66
N ARG C 3 -28.89 26.99 -7.53
CA ARG C 3 -28.24 26.03 -8.42
C ARG C 3 -26.82 26.46 -8.78
N ILE C 4 -25.84 25.64 -8.40
CA ILE C 4 -24.44 25.88 -8.77
C ILE C 4 -23.87 24.76 -9.66
N GLY C 5 -22.72 25.06 -10.28
CA GLY C 5 -21.99 24.12 -11.11
C GLY C 5 -20.65 23.78 -10.50
N VAL C 6 -20.05 22.67 -10.97
CA VAL C 6 -18.72 22.23 -10.52
C VAL C 6 -17.95 21.56 -11.68
N LEU C 7 -16.68 21.92 -11.84
CA LEU C 7 -15.82 21.26 -12.82
C LEU C 7 -14.42 21.01 -12.31
N THR C 8 -13.73 20.11 -13.01
CA THR C 8 -12.31 19.87 -12.81
C THR C 8 -11.52 20.23 -14.09
N SER C 9 -10.41 20.94 -13.90
CA SER C 9 -9.48 21.28 -14.97
C SER C 9 -8.01 21.05 -14.58
N GLY C 10 -7.13 21.00 -15.56
CA GLY C 10 -5.73 20.69 -15.31
C GLY C 10 -5.54 19.20 -15.32
N GLY C 11 -4.33 18.75 -15.08
CA GLY C 11 -4.11 17.31 -14.96
C GLY C 11 -4.93 16.76 -13.80
N ALA C 12 -5.16 15.45 -13.80
CA ALA C 12 -5.80 14.80 -12.66
C ALA C 12 -4.93 15.01 -11.43
N SER C 13 -5.56 15.10 -10.28
CA SER C 13 -4.86 15.22 -8.98
C SER C 13 -5.60 14.36 -7.96
N PRO C 14 -4.89 13.52 -7.19
CA PRO C 14 -5.61 12.73 -6.19
C PRO C 14 -6.36 13.62 -5.15
N GLY C 15 -7.66 13.39 -4.98
CA GLY C 15 -8.48 14.24 -4.10
C GLY C 15 -9.52 15.09 -4.82
N MET C 16 -9.41 15.22 -6.14
CA MET C 16 -10.42 15.95 -6.87
C MET C 16 -11.81 15.38 -6.59
N ASN C 17 -11.91 14.06 -6.55
CA ASN C 17 -13.19 13.43 -6.30
C ASN C 17 -13.71 13.74 -4.88
N ALA C 18 -12.83 13.70 -3.88
CA ALA C 18 -13.14 14.21 -2.54
C ALA C 18 -13.70 15.66 -2.53
N ALA C 19 -13.18 16.50 -3.44
CA ALA C 19 -13.57 17.90 -3.56
C ALA C 19 -14.92 18.04 -4.26
N ILE C 20 -15.11 17.29 -5.36
CA ILE C 20 -16.42 17.23 -6.03
C ILE C 20 -17.49 16.80 -5.03
N ARG C 21 -17.23 15.73 -4.26
CA ARG C 21 -18.17 15.24 -3.25
C ARG C 21 -18.52 16.27 -2.18
N SER C 22 -17.52 17.01 -1.71
CA SER C 22 -17.72 18.04 -0.71
C SER C 22 -18.61 19.16 -1.24
N VAL C 23 -18.32 19.60 -2.47
CA VAL C 23 -19.10 20.63 -3.13
C VAL C 23 -20.59 20.23 -3.28
N VAL C 24 -20.83 19.01 -3.76
CA VAL C 24 -22.19 18.50 -3.95
C VAL C 24 -22.91 18.37 -2.59
N ARG C 25 -22.26 17.73 -1.63
CA ARG C 25 -22.89 17.49 -0.34
C ARG C 25 -23.14 18.77 0.49
N LYS C 26 -22.22 19.71 0.44
CA LYS C 26 -22.36 20.97 1.18
C LYS C 26 -23.47 21.81 0.58
N ALA C 27 -23.50 21.89 -0.75
CA ALA C 27 -24.55 22.63 -1.46
C ALA C 27 -25.92 22.02 -1.15
N ILE C 28 -26.01 20.70 -1.29
CA ILE C 28 -27.27 19.99 -1.05
C ILE C 28 -27.72 20.12 0.39
N TYR C 29 -26.76 20.24 1.31
CA TYR C 29 -27.08 20.44 2.73
C TYR C 29 -27.79 21.78 2.95
N HIS C 30 -27.56 22.72 2.05
CA HIS C 30 -28.14 24.04 2.17
C HIS C 30 -29.28 24.22 1.17
N GLY C 31 -29.74 23.10 0.64
CA GLY C 31 -30.87 23.07 -0.29
C GLY C 31 -30.53 23.57 -1.68
N VAL C 32 -29.27 23.47 -2.09
CA VAL C 32 -28.82 23.95 -3.40
C VAL C 32 -28.55 22.78 -4.35
N GLU C 33 -28.98 22.92 -5.61
CA GLU C 33 -28.69 21.92 -6.63
C GLU C 33 -27.26 22.08 -7.13
N VAL C 34 -26.59 20.98 -7.45
CA VAL C 34 -25.29 21.04 -8.12
C VAL C 34 -25.32 20.28 -9.44
N TYR C 35 -24.82 20.93 -10.49
CA TYR C 35 -24.76 20.35 -11.82
C TYR C 35 -23.30 20.13 -12.15
N GLY C 36 -23.00 18.95 -12.63
CA GLY C 36 -21.64 18.58 -12.97
C GLY C 36 -21.35 19.06 -14.38
N VAL C 37 -20.18 19.67 -14.56
CA VAL C 37 -19.70 20.06 -15.87
C VAL C 37 -18.53 19.14 -16.18
N TYR C 38 -18.65 18.41 -17.28
CA TYR C 38 -17.71 17.36 -17.66
C TYR C 38 -16.68 17.87 -18.65
N HIS C 39 -15.46 17.35 -18.58
CA HIS C 39 -14.35 17.72 -19.45
C HIS C 39 -13.89 19.17 -19.34
N GLY C 40 -14.02 19.73 -18.13
CA GLY C 40 -13.56 21.08 -17.83
C GLY C 40 -14.22 22.14 -18.68
N TYR C 41 -13.47 23.16 -19.04
CA TYR C 41 -14.02 24.27 -19.80
C TYR C 41 -14.49 23.88 -21.20
N ALA C 42 -13.91 22.83 -21.77
CA ALA C 42 -14.35 22.26 -23.06
C ALA C 42 -15.80 21.78 -22.97
N GLY C 43 -16.09 20.99 -21.95
CA GLY C 43 -17.44 20.51 -21.70
C GLY C 43 -18.40 21.63 -21.36
N LEU C 44 -17.91 22.66 -20.69
CA LEU C 44 -18.72 23.82 -20.42
C LEU C 44 -19.16 24.46 -21.74
N ILE C 45 -18.21 24.78 -22.61
CA ILE C 45 -18.52 25.36 -23.91
C ILE C 45 -19.44 24.45 -24.71
N ALA C 46 -19.16 23.14 -24.68
CA ALA C 46 -19.91 22.12 -25.44
C ALA C 46 -21.30 21.81 -24.85
N GLY C 47 -21.50 22.14 -23.59
CA GLY C 47 -22.76 21.90 -22.91
C GLY C 47 -22.87 20.53 -22.25
N ASN C 48 -21.73 19.90 -21.95
CA ASN C 48 -21.70 18.64 -21.19
C ASN C 48 -22.06 18.88 -19.72
N ILE C 49 -23.34 19.13 -19.42
CA ILE C 49 -23.78 19.45 -18.06
C ILE C 49 -24.90 18.50 -17.61
N LYS C 50 -24.81 18.01 -16.38
CA LYS C 50 -25.79 17.05 -15.86
C LYS C 50 -25.89 17.12 -14.34
N LYS C 51 -27.11 17.00 -13.82
CA LYS C 51 -27.33 17.12 -12.38
C LYS C 51 -26.59 16.03 -11.60
N LEU C 52 -25.91 16.45 -10.54
CA LEU C 52 -25.28 15.54 -9.60
C LEU C 52 -26.14 15.39 -8.34
N GLU C 53 -26.79 14.23 -8.22
CA GLU C 53 -27.61 13.90 -7.05
C GLU C 53 -26.73 13.47 -5.92
N VAL C 54 -27.29 13.46 -4.71
CA VAL C 54 -26.54 13.20 -3.48
C VAL C 54 -25.78 11.89 -3.52
N GLY C 55 -26.37 10.88 -4.17
CA GLY C 55 -25.77 9.55 -4.27
C GLY C 55 -24.77 9.38 -5.40
N ASP C 56 -24.76 10.34 -6.32
CA ASP C 56 -23.84 10.33 -7.45
C ASP C 56 -22.41 10.65 -7.05
N VAL C 57 -22.24 11.18 -5.84
CA VAL C 57 -20.91 11.40 -5.25
C VAL C 57 -20.59 10.39 -4.14
N GLY C 58 -21.44 9.38 -4.03
CA GLY C 58 -21.22 8.27 -3.11
C GLY C 58 -20.14 7.39 -3.69
N ASP C 59 -19.36 6.77 -2.81
CA ASP C 59 -18.22 5.93 -3.20
C ASP C 59 -17.21 6.55 -4.20
N ILE C 60 -16.94 7.85 -4.08
CA ILE C 60 -15.85 8.49 -4.81
C ILE C 60 -14.79 9.16 -3.91
N ILE C 61 -15.05 9.29 -2.60
CA ILE C 61 -14.15 10.05 -1.72
C ILE C 61 -12.72 9.51 -1.77
N HIS C 62 -12.61 8.19 -1.86
CA HIS C 62 -11.36 7.47 -1.80
C HIS C 62 -10.77 7.19 -3.16
N ARG C 63 -11.40 7.66 -4.21
CA ARG C 63 -11.01 7.32 -5.56
C ARG C 63 -10.15 8.41 -6.22
N GLY C 64 -9.13 7.97 -6.94
CA GLY C 64 -8.22 8.86 -7.66
C GLY C 64 -8.89 9.43 -8.89
N GLY C 65 -8.22 10.35 -9.56
CA GLY C 65 -8.77 10.99 -10.77
C GLY C 65 -9.93 11.94 -10.51
N THR C 66 -10.83 12.04 -11.50
CA THR C 66 -12.02 12.89 -11.44
C THR C 66 -13.17 12.30 -12.27
N ILE C 67 -14.35 12.17 -11.66
CA ILE C 67 -15.53 11.63 -12.32
C ILE C 67 -16.12 12.60 -13.36
N LEU C 68 -15.74 13.86 -13.28
CA LEU C 68 -16.13 14.87 -14.25
C LEU C 68 -15.10 15.00 -15.37
N TYR C 69 -14.00 14.25 -15.30
CA TYR C 69 -12.93 14.32 -16.30
C TYR C 69 -12.25 15.70 -16.41
N THR C 70 -11.18 15.72 -17.19
CA THR C 70 -10.43 16.95 -17.42
C THR C 70 -10.04 17.05 -18.90
N ALA C 71 -10.10 18.26 -19.46
CA ALA C 71 -9.76 18.49 -20.88
C ALA C 71 -9.10 19.86 -21.06
N ARG C 72 -8.25 19.99 -22.08
CA ARG C 72 -7.67 21.28 -22.44
C ARG C 72 -8.73 22.13 -23.10
N CYS C 73 -8.59 23.45 -22.97
CA CYS C 73 -9.56 24.38 -23.55
C CYS C 73 -8.95 25.73 -23.91
N PRO C 74 -8.15 25.75 -24.99
CA PRO C 74 -7.58 27.01 -25.50
C PRO C 74 -8.67 27.98 -25.95
N GLU C 75 -9.80 27.42 -26.39
CA GLU C 75 -10.99 28.23 -26.71
C GLU C 75 -11.43 29.14 -25.56
N PHE C 76 -11.43 28.62 -24.34
CA PHE C 76 -11.84 29.41 -23.17
C PHE C 76 -10.82 30.50 -22.79
N LYS C 77 -9.58 30.35 -23.28
CA LYS C 77 -8.59 31.43 -23.20
C LYS C 77 -8.94 32.60 -24.15
N THR C 78 -10.11 32.54 -24.79
CA THR C 78 -10.63 33.64 -25.63
C THR C 78 -12.02 34.13 -25.20
N GLU C 79 -12.44 35.25 -25.78
CA GLU C 79 -13.70 35.91 -25.40
C GLU C 79 -14.91 35.23 -26.04
N GLU C 80 -14.73 34.71 -27.27
CA GLU C 80 -15.75 33.89 -27.92
C GLU C 80 -15.98 32.65 -27.06
N GLY C 81 -14.90 32.02 -26.61
CA GLY C 81 -14.98 30.85 -25.73
C GLY C 81 -15.62 31.10 -24.39
N GLN C 82 -15.22 32.18 -23.72
CA GLN C 82 -15.80 32.56 -22.42
C GLN C 82 -17.30 32.88 -22.58
N LYS C 83 -17.64 33.51 -23.70
CA LYS C 83 -19.02 33.93 -24.00
C LYS C 83 -19.99 32.75 -24.07
N LYS C 84 -19.63 31.73 -24.83
CA LYS C 84 -20.46 30.52 -24.98
C LYS C 84 -20.60 29.74 -23.67
N GLY C 85 -19.56 29.76 -22.85
CA GLY C 85 -19.59 29.12 -21.54
C GLY C 85 -20.63 29.75 -20.63
N ILE C 86 -20.67 31.07 -20.60
CA ILE C 86 -21.66 31.82 -19.81
C ILE C 86 -23.07 31.52 -20.32
N GLU C 87 -23.19 31.34 -21.63
CA GLU C 87 -24.46 31.01 -22.25
C GLU C 87 -24.95 29.63 -21.79
N GLN C 88 -24.03 28.67 -21.75
CA GLN C 88 -24.36 27.32 -21.34
C GLN C 88 -24.76 27.27 -19.87
N LEU C 89 -24.11 28.12 -19.06
CA LEU C 89 -24.42 28.24 -17.64
C LEU C 89 -25.81 28.87 -17.43
N LYS C 90 -26.05 29.99 -18.11
CA LYS C 90 -27.36 30.66 -18.08
C LYS C 90 -28.49 29.72 -18.54
N LYS C 91 -28.23 28.97 -19.61
CA LYS C 91 -29.17 27.99 -20.16
C LYS C 91 -29.58 26.94 -19.13
N HIS C 92 -28.62 26.42 -18.38
CA HIS C 92 -28.90 25.38 -17.39
C HIS C 92 -29.27 25.91 -16.02
N GLY C 93 -29.43 27.24 -15.92
CA GLY C 93 -29.83 27.89 -14.66
C GLY C 93 -28.78 27.90 -13.56
N ILE C 94 -27.53 27.63 -13.93
CA ILE C 94 -26.40 27.58 -12.97
C ILE C 94 -25.99 29.01 -12.62
N GLU C 95 -26.05 29.36 -11.34
CA GLU C 95 -25.81 30.75 -10.91
C GLU C 95 -24.41 31.02 -10.34
N GLY C 96 -23.59 29.98 -10.17
CA GLY C 96 -22.21 30.11 -9.73
C GLY C 96 -21.46 28.82 -10.00
N LEU C 97 -20.14 28.90 -10.17
CA LEU C 97 -19.32 27.74 -10.54
C LEU C 97 -18.14 27.51 -9.61
N VAL C 98 -17.96 26.27 -9.18
CA VAL C 98 -16.77 25.89 -8.46
C VAL C 98 -15.87 25.20 -9.47
N VAL C 99 -14.65 25.73 -9.58
CA VAL C 99 -13.67 25.23 -10.53
C VAL C 99 -12.58 24.60 -9.66
N ILE C 100 -12.22 23.36 -9.95
CA ILE C 100 -11.19 22.62 -9.19
C ILE C 100 -10.00 22.23 -10.08
N GLY C 101 -8.81 22.78 -9.79
CA GLY C 101 -7.67 22.47 -10.63
C GLY C 101 -6.45 23.32 -10.41
N GLY C 102 -5.66 23.48 -11.47
CA GLY C 102 -4.38 24.18 -11.40
C GLY C 102 -4.41 25.63 -11.82
N ASP C 103 -3.22 26.16 -12.13
CA ASP C 103 -3.03 27.56 -12.57
C ASP C 103 -3.97 27.94 -13.71
N GLY C 104 -4.11 27.04 -14.67
CA GLY C 104 -5.01 27.23 -15.79
C GLY C 104 -6.45 27.51 -15.41
N SER C 105 -7.02 26.64 -14.59
CA SER C 105 -8.41 26.74 -14.16
C SER C 105 -8.75 28.07 -13.45
N TYR C 106 -7.76 28.64 -12.75
CA TYR C 106 -7.95 29.92 -12.03
C TYR C 106 -8.09 31.13 -12.97
N GLN C 107 -7.44 31.07 -14.13
CA GLN C 107 -7.48 32.16 -15.12
C GLN C 107 -8.90 32.22 -15.69
N GLY C 108 -9.49 31.05 -15.95
CA GLY C 108 -10.87 30.97 -16.40
C GLY C 108 -11.85 31.49 -15.36
N ALA C 109 -11.56 31.22 -14.09
CA ALA C 109 -12.39 31.73 -12.98
C ALA C 109 -12.27 33.24 -12.87
N LYS C 110 -11.06 33.75 -13.06
CA LYS C 110 -10.78 35.17 -13.12
C LYS C 110 -11.59 35.81 -14.25
N LYS C 111 -11.48 35.22 -15.44
CA LYS C 111 -12.16 35.78 -16.62
C LYS C 111 -13.69 35.76 -16.52
N LEU C 112 -14.25 34.68 -15.97
CA LEU C 112 -15.70 34.60 -15.71
C LEU C 112 -16.14 35.66 -14.69
N THR C 113 -15.31 35.87 -13.67
CA THR C 113 -15.57 36.87 -12.66
C THR C 113 -15.42 38.27 -13.27
N GLU C 114 -14.45 38.46 -14.16
CA GLU C 114 -14.37 39.70 -14.95
C GLU C 114 -15.64 39.91 -15.78
N HIS C 115 -16.21 38.85 -16.35
CA HIS C 115 -17.51 38.91 -17.05
C HIS C 115 -18.73 38.79 -16.10
N GLY C 116 -18.57 39.16 -14.83
CA GLY C 116 -19.69 39.24 -13.90
C GLY C 116 -20.33 37.93 -13.45
N PHE C 117 -19.68 36.78 -13.70
CA PHE C 117 -20.23 35.46 -13.32
C PHE C 117 -19.52 34.88 -12.08
N PRO C 118 -20.27 34.61 -10.97
CA PRO C 118 -19.67 34.17 -9.70
C PRO C 118 -18.96 32.83 -9.82
N CYS C 119 -17.71 32.81 -9.41
CA CYS C 119 -16.89 31.64 -9.58
C CYS C 119 -15.78 31.62 -8.53
N VAL C 120 -15.59 30.47 -7.89
CA VAL C 120 -14.54 30.27 -6.89
C VAL C 120 -13.61 29.13 -7.32
N GLY C 121 -12.30 29.36 -7.20
CA GLY C 121 -11.31 28.34 -7.56
C GLY C 121 -10.90 27.50 -6.37
N VAL C 122 -10.76 26.19 -6.59
CA VAL C 122 -10.24 25.24 -5.57
C VAL C 122 -8.90 24.60 -6.04
N PRO C 123 -7.82 24.67 -5.22
CA PRO C 123 -6.49 24.23 -5.69
C PRO C 123 -6.35 22.71 -5.78
N GLY C 124 -6.43 22.19 -7.00
CA GLY C 124 -6.32 20.77 -7.28
C GLY C 124 -5.14 20.45 -8.18
N THR C 125 -3.98 20.18 -7.61
CA THR C 125 -2.82 19.83 -8.42
C THR C 125 -1.80 19.17 -7.52
N ILE C 126 -0.96 18.30 -8.09
CA ILE C 126 0.08 17.60 -7.34
C ILE C 126 1.31 18.44 -7.12
N ASP C 127 1.54 19.47 -7.93
CA ASP C 127 2.84 20.20 -7.83
C ASP C 127 2.97 21.34 -6.77
N ASN C 128 1.89 21.62 -6.06
CA ASN C 128 1.89 22.57 -4.94
C ASN C 128 2.03 24.03 -5.33
N ASP C 129 2.03 24.33 -6.62
CA ASP C 129 2.22 25.73 -7.03
CA ASP C 129 2.23 25.70 -7.11
C ASP C 129 0.93 26.35 -7.55
N ILE C 130 0.06 26.62 -6.59
CA ILE C 130 -1.12 27.43 -6.79
C ILE C 130 -1.04 28.44 -5.65
N PRO C 131 -1.17 29.74 -5.96
CA PRO C 131 -1.15 30.73 -4.89
C PRO C 131 -2.38 30.72 -4.01
N GLY C 132 -2.26 31.39 -2.86
CA GLY C 132 -3.34 31.46 -1.89
C GLY C 132 -3.47 30.24 -1.02
N THR C 133 -2.46 29.36 -1.07
CA THR C 133 -2.51 28.09 -0.32
C THR C 133 -1.10 27.56 -0.04
N ASP C 134 -0.86 27.10 1.19
CA ASP C 134 0.40 26.40 1.49
C ASP C 134 0.46 25.06 0.75
N PHE C 135 -0.67 24.39 0.66
CA PHE C 135 -0.77 23.03 0.09
C PHE C 135 -1.92 22.95 -0.92
N THR C 136 -1.66 22.29 -2.05
CA THR C 136 -2.69 21.98 -3.02
C THR C 136 -3.22 20.56 -2.78
N ILE C 137 -4.46 20.32 -3.20
CA ILE C 137 -5.07 19.01 -3.11
C ILE C 137 -4.39 18.10 -4.13
N GLY C 138 -3.66 17.10 -3.64
CA GLY C 138 -2.93 16.15 -4.48
C GLY C 138 -1.47 16.04 -4.11
N PHE C 139 -0.92 17.11 -3.53
CA PHE C 139 0.50 17.23 -3.26
C PHE C 139 0.95 16.13 -2.32
N ASP C 140 0.24 15.99 -1.19
CA ASP C 140 0.56 14.96 -0.18
C ASP C 140 0.57 13.56 -0.79
N THR C 141 -0.44 13.24 -1.60
CA THR C 141 -0.50 11.91 -2.20
C THR C 141 0.73 11.69 -3.14
N ALA C 142 0.98 12.65 -4.02
CA ALA C 142 2.14 12.57 -4.90
C ALA C 142 3.45 12.30 -4.13
N LEU C 143 3.64 12.93 -2.96
CA LEU C 143 4.85 12.72 -2.15
C LEU C 143 4.94 11.30 -1.66
N ASN C 144 3.79 10.70 -1.35
CA ASN C 144 3.79 9.33 -0.87
C ASN C 144 3.98 8.35 -2.00
N THR C 145 3.52 8.71 -3.19
CA THR C 145 3.84 7.96 -4.40
C THR C 145 5.36 7.96 -4.66
N VAL C 146 5.98 9.12 -4.55
CA VAL C 146 7.43 9.24 -4.76
C VAL C 146 8.20 8.43 -3.72
N ILE C 147 7.89 8.61 -2.44
CA ILE C 147 8.66 7.89 -1.41
C ILE C 147 8.45 6.35 -1.44
N ASP C 148 7.34 5.88 -2.01
CA ASP C 148 7.17 4.44 -2.19
CA ASP C 148 7.15 4.43 -2.25
C ASP C 148 8.27 3.90 -3.13
N ALA C 149 8.57 4.63 -4.23
CA ALA C 149 9.67 4.26 -5.12
C ALA C 149 11.00 4.39 -4.42
N ILE C 150 11.17 5.47 -3.66
CA ILE C 150 12.46 5.68 -2.98
C ILE C 150 12.71 4.56 -2.00
N ASP C 151 11.71 4.21 -1.22
CA ASP C 151 11.83 3.09 -0.24
C ASP C 151 12.17 1.75 -0.88
N LYS C 152 11.54 1.44 -2.02
CA LYS C 152 11.89 0.19 -2.77
C LYS C 152 13.32 0.20 -3.29
N ILE C 153 13.75 1.34 -3.80
CA ILE C 153 15.13 1.47 -4.28
C ILE C 153 16.17 1.21 -3.16
N ARG C 154 15.86 1.63 -1.94
CA ARG C 154 16.72 1.33 -0.77
C ARG C 154 16.94 -0.15 -0.47
N ASP C 155 16.00 -1.03 -0.90
CA ASP C 155 16.16 -2.49 -0.81
C ASP C 155 17.05 -3.09 -1.88
N THR C 156 17.21 -2.38 -2.99
CA THR C 156 17.87 -2.91 -4.18
C THR C 156 19.34 -2.51 -4.27
N ALA C 157 19.84 -1.74 -3.31
CA ALA C 157 21.25 -1.28 -3.35
C ALA C 157 22.25 -2.42 -3.13
N THR C 158 23.44 -2.26 -3.71
CA THR C 158 24.56 -3.19 -3.56
C THR C 158 25.83 -2.33 -3.40
N SER C 159 26.97 -2.95 -3.10
CA SER C 159 28.20 -2.18 -2.87
C SER C 159 28.68 -1.54 -4.18
N HIS C 160 28.47 -2.25 -5.29
CA HIS C 160 28.87 -1.76 -6.61
C HIS C 160 27.82 -0.80 -7.19
N GLU C 161 26.55 -1.18 -7.07
CA GLU C 161 25.41 -0.39 -7.57
C GLU C 161 24.68 0.34 -6.42
N ARG C 162 25.17 1.53 -6.06
CA ARG C 162 24.69 2.25 -4.87
C ARG C 162 24.23 3.70 -5.10
N THR C 163 24.17 4.15 -6.35
CA THR C 163 23.82 5.53 -6.64
C THR C 163 22.57 5.55 -7.52
N TYR C 164 21.57 6.31 -7.09
CA TYR C 164 20.25 6.34 -7.72
C TYR C 164 19.78 7.76 -7.93
N VAL C 165 19.20 8.02 -9.10
CA VAL C 165 18.63 9.30 -9.45
C VAL C 165 17.16 9.03 -9.71
N ILE C 166 16.28 9.84 -9.10
CA ILE C 166 14.85 9.73 -9.36
C ILE C 166 14.30 11.06 -9.85
N GLU C 167 13.64 11.02 -11.00
CA GLU C 167 13.06 12.20 -11.60
C GLU C 167 11.58 12.31 -11.25
N VAL C 168 11.24 13.39 -10.57
CA VAL C 168 9.89 13.60 -10.05
C VAL C 168 9.20 14.72 -10.82
N MET C 169 7.88 14.83 -10.64
CA MET C 169 7.13 15.84 -11.36
C MET C 169 7.24 17.20 -10.67
N GLY C 170 6.63 18.21 -11.27
CA GLY C 170 6.73 19.61 -10.85
C GLY C 170 7.25 20.47 -11.98
N ARG C 171 6.33 21.02 -12.81
CA ARG C 171 6.68 21.94 -13.94
C ARG C 171 7.93 22.74 -13.49
N HIS C 172 7.82 23.54 -12.44
CA HIS C 172 8.30 24.94 -12.38
C HIS C 172 8.58 25.06 -10.87
N ALA C 173 8.03 24.12 -10.08
CA ALA C 173 8.10 24.15 -8.64
C ALA C 173 8.88 22.94 -8.14
N GLY C 174 9.71 23.16 -7.13
CA GLY C 174 10.54 22.14 -6.56
C GLY C 174 9.95 21.47 -5.32
N ASP C 175 8.69 21.76 -5.01
CA ASP C 175 8.01 21.23 -3.80
C ASP C 175 8.00 19.71 -3.70
N ILE C 176 7.57 19.03 -4.77
CA ILE C 176 7.57 17.56 -4.79
C ILE C 176 8.97 17.01 -4.51
N ALA C 177 9.95 17.57 -5.18
CA ALA C 177 11.35 17.14 -5.05
C ALA C 177 11.90 17.37 -3.65
N LEU C 178 11.67 18.57 -3.13
CA LEU C 178 12.20 18.96 -1.83
C LEU C 178 11.61 18.10 -0.73
N TRP C 179 10.29 18.04 -0.73
CA TRP C 179 9.58 17.33 0.34
C TRP C 179 9.77 15.84 0.25
N SER C 180 9.59 15.27 -0.93
CA SER C 180 9.86 13.84 -1.14
C SER C 180 11.35 13.51 -0.86
N GLY C 181 12.23 14.46 -1.14
CA GLY C 181 13.68 14.30 -0.94
C GLY C 181 14.05 14.24 0.52
N LEU C 182 13.48 15.15 1.29
CA LEU C 182 13.64 15.15 2.74
C LEU C 182 13.06 13.87 3.35
N ALA C 183 11.84 13.54 2.97
CA ALA C 183 11.12 12.39 3.52
C ALA C 183 11.82 11.06 3.14
N GLY C 184 12.50 11.03 1.99
CA GLY C 184 13.15 9.83 1.49
C GLY C 184 14.63 9.74 1.78
N GLY C 185 15.19 10.72 2.51
CA GLY C 185 16.60 10.70 2.90
C GLY C 185 17.55 11.04 1.77
N ALA C 186 17.08 11.80 0.79
CA ALA C 186 17.91 12.11 -0.38
C ALA C 186 19.13 12.96 -0.01
N GLU C 187 20.25 12.59 -0.60
CA GLU C 187 21.54 13.28 -0.39
C GLU C 187 21.63 14.60 -1.14
N THR C 188 21.16 14.57 -2.37
CA THR C 188 21.11 15.73 -3.22
C THR C 188 19.70 15.81 -3.76
N ILE C 189 19.21 17.04 -3.89
CA ILE C 189 17.89 17.36 -4.41
C ILE C 189 18.06 18.55 -5.32
N LEU C 190 17.71 18.40 -6.59
CA LEU C 190 17.82 19.49 -7.55
C LEU C 190 16.46 20.15 -7.80
N ILE C 191 16.36 21.44 -7.48
CA ILE C 191 15.12 22.20 -7.63
C ILE C 191 15.33 23.55 -8.31
N PRO C 192 14.31 24.07 -9.01
CA PRO C 192 14.45 25.39 -9.66
C PRO C 192 14.70 26.57 -8.73
N GLU C 193 14.37 26.45 -7.45
CA GLU C 193 14.44 27.59 -6.52
C GLU C 193 15.73 27.66 -5.71
N ALA C 194 16.71 26.81 -6.03
CA ALA C 194 17.98 26.80 -5.33
C ALA C 194 19.09 26.45 -6.32
N ASP C 195 20.15 27.25 -6.35
CA ASP C 195 21.29 26.98 -7.23
C ASP C 195 21.95 25.72 -6.74
N TYR C 196 22.45 24.93 -7.67
CA TYR C 196 23.20 23.71 -7.35
C TYR C 196 24.52 23.73 -8.13
N ASP C 197 25.56 23.23 -7.50
CA ASP C 197 26.84 22.99 -8.13
C ASP C 197 27.04 21.50 -8.23
N MET C 198 27.15 20.99 -9.45
CA MET C 198 27.38 19.57 -9.69
C MET C 198 28.70 19.06 -9.09
N ASN C 199 29.68 19.95 -8.90
CA ASN C 199 30.90 19.60 -8.18
C ASN C 199 30.64 19.39 -6.71
N ASP C 200 29.85 20.29 -6.11
CA ASP C 200 29.40 20.13 -4.72
C ASP C 200 28.64 18.80 -4.55
N VAL C 201 27.81 18.49 -5.54
CA VAL C 201 27.08 17.22 -5.61
C VAL C 201 28.01 16.00 -5.72
N ILE C 202 29.00 16.08 -6.59
CA ILE C 202 29.98 14.98 -6.76
C ILE C 202 30.81 14.77 -5.49
N ALA C 203 31.17 15.86 -4.81
CA ALA C 203 31.95 15.78 -3.59
C ALA C 203 31.15 15.04 -2.51
N ARG C 204 29.91 15.48 -2.32
CA ARG C 204 28.97 14.84 -1.38
C ARG C 204 28.91 13.34 -1.56
N LEU C 205 28.73 12.93 -2.80
CA LEU C 205 28.63 11.53 -3.18
C LEU C 205 29.89 10.73 -2.76
N LYS C 206 31.06 11.32 -3.02
CA LYS C 206 32.33 10.67 -2.72
C LYS C 206 32.59 10.65 -1.20
N ARG C 207 32.23 11.72 -0.51
CA ARG C 207 32.36 11.77 0.95
C ARG C 207 31.54 10.69 1.65
N GLY C 208 30.34 10.44 1.10
CA GLY C 208 29.40 9.46 1.64
C GLY C 208 29.84 8.05 1.39
N HIS C 209 30.29 7.78 0.16
CA HIS C 209 30.89 6.49 -0.18
C HIS C 209 32.13 6.25 0.70
N GLU C 210 32.95 7.29 0.88
CA GLU C 210 34.15 7.18 1.72
C GLU C 210 33.88 6.83 3.18
N ARG C 211 32.80 7.38 3.75
CA ARG C 211 32.47 7.10 5.16
C ARG C 211 31.61 5.87 5.35
N GLY C 212 31.23 5.21 4.25
CA GLY C 212 30.55 3.91 4.31
C GLY C 212 29.04 3.97 4.15
N LYS C 213 28.52 5.10 3.70
CA LYS C 213 27.09 5.27 3.43
C LYS C 213 26.70 4.21 2.40
N LYS C 214 25.70 3.39 2.75
CA LYS C 214 25.29 2.26 1.90
C LYS C 214 24.90 2.69 0.49
N HIS C 215 24.22 3.83 0.38
CA HIS C 215 23.77 4.32 -0.91
C HIS C 215 23.43 5.80 -0.88
N SER C 216 23.34 6.39 -2.07
CA SER C 216 23.04 7.79 -2.27
C SER C 216 21.85 7.91 -3.21
N ILE C 217 20.87 8.71 -2.81
CA ILE C 217 19.65 8.96 -3.60
C ILE C 217 19.63 10.44 -3.98
N ILE C 218 19.41 10.72 -5.26
CA ILE C 218 19.41 12.07 -5.77
C ILE C 218 18.07 12.27 -6.43
N ILE C 219 17.36 13.33 -6.04
CA ILE C 219 16.00 13.59 -6.55
C ILE C 219 16.07 14.79 -7.46
N VAL C 220 15.48 14.67 -8.65
CA VAL C 220 15.53 15.72 -9.64
C VAL C 220 14.11 16.13 -10.10
N ALA C 221 13.78 17.40 -9.84
CA ALA C 221 12.57 18.01 -10.38
C ALA C 221 12.69 18.05 -11.89
N GLU C 222 11.63 17.64 -12.58
CA GLU C 222 11.59 17.70 -14.03
C GLU C 222 11.87 19.12 -14.56
N GLY C 223 11.55 20.14 -13.74
CA GLY C 223 11.79 21.54 -14.09
C GLY C 223 13.25 22.02 -14.03
N VAL C 224 14.12 21.22 -13.42
CA VAL C 224 15.57 21.49 -13.45
C VAL C 224 16.21 20.85 -14.67
N GLY C 225 15.66 19.71 -15.10
CA GLY C 225 16.20 18.97 -16.22
C GLY C 225 15.86 17.49 -16.16
N SER C 226 16.51 16.71 -17.01
CA SER C 226 16.24 15.27 -17.11
C SER C 226 17.10 14.47 -16.16
N GLY C 227 16.51 13.50 -15.48
CA GLY C 227 17.26 12.61 -14.61
C GLY C 227 18.09 11.63 -15.41
N VAL C 228 17.56 11.17 -16.55
CA VAL C 228 18.30 10.26 -17.43
C VAL C 228 19.65 10.89 -17.80
N ASP C 229 19.64 12.22 -17.97
CA ASP C 229 20.85 12.99 -18.28
C ASP C 229 21.75 13.21 -17.06
N PHE C 230 21.20 13.64 -15.93
CA PHE C 230 22.00 13.78 -14.70
C PHE C 230 22.64 12.45 -14.29
N GLY C 231 21.91 11.35 -14.55
CA GLY C 231 22.43 10.01 -14.32
C GLY C 231 23.66 9.68 -15.16
N ARG C 232 23.58 9.90 -16.47
CA ARG C 232 24.73 9.69 -17.37
C ARG C 232 25.89 10.59 -16.96
N GLN C 233 25.54 11.83 -16.63
CA GLN C 233 26.50 12.86 -16.26
C GLN C 233 27.30 12.52 -15.01
N ILE C 234 26.63 11.95 -14.00
CA ILE C 234 27.28 11.57 -12.72
C ILE C 234 28.16 10.34 -12.88
N GLN C 235 27.72 9.37 -13.68
CA GLN C 235 28.52 8.17 -13.94
C GLN C 235 29.92 8.53 -14.41
N GLU C 236 30.00 9.14 -15.59
CA GLU C 236 31.29 9.41 -16.20
C GLU C 236 32.19 10.42 -15.47
N ALA C 237 31.62 11.20 -14.55
CA ALA C 237 32.44 12.05 -13.67
C ALA C 237 33.09 11.19 -12.58
N THR C 238 32.25 10.50 -11.81
CA THR C 238 32.69 9.70 -10.64
C THR C 238 33.13 8.24 -10.96
N GLY C 239 32.73 7.70 -12.11
CA GLY C 239 32.93 6.29 -12.43
C GLY C 239 31.90 5.37 -11.77
N PHE C 240 30.98 5.96 -11.00
CA PHE C 240 30.03 5.22 -10.17
C PHE C 240 28.86 4.76 -11.04
N GLU C 241 28.53 3.48 -10.95
CA GLU C 241 27.32 2.94 -11.60
C GLU C 241 26.09 3.65 -11.03
N THR C 242 25.30 4.26 -11.91
CA THR C 242 24.19 5.11 -11.53
C THR C 242 22.90 4.63 -12.21
N ARG C 243 21.87 4.32 -11.41
CA ARG C 243 20.56 3.91 -11.93
C ARG C 243 19.58 5.08 -11.85
N VAL C 244 18.86 5.33 -12.95
CA VAL C 244 17.86 6.40 -13.01
C VAL C 244 16.45 5.82 -13.15
N THR C 245 15.54 6.32 -12.31
CA THR C 245 14.12 6.00 -12.42
C THR C 245 13.40 7.29 -12.80
N VAL C 246 12.53 7.22 -13.81
CA VAL C 246 11.66 8.35 -14.17
C VAL C 246 10.24 7.90 -13.86
N LEU C 247 9.67 8.50 -12.82
CA LEU C 247 8.41 8.06 -12.28
C LEU C 247 7.24 8.43 -13.15
N GLY C 248 7.23 9.66 -13.64
CA GLY C 248 6.18 10.10 -14.55
C GLY C 248 4.79 10.23 -13.95
N HIS C 249 3.79 9.96 -14.77
CA HIS C 249 2.40 10.29 -14.45
C HIS C 249 1.75 9.41 -13.38
N VAL C 250 2.43 8.34 -12.95
CA VAL C 250 1.98 7.61 -11.77
C VAL C 250 1.79 8.60 -10.60
N GLN C 251 2.61 9.66 -10.57
CA GLN C 251 2.50 10.68 -9.53
C GLN C 251 1.18 11.44 -9.45
N ARG C 252 0.38 11.44 -10.51
CA ARG C 252 -0.97 12.05 -10.51
C ARG C 252 -2.13 11.07 -10.15
N GLY C 253 -1.84 9.78 -10.18
CA GLY C 253 -2.84 8.78 -9.95
C GLY C 253 -2.80 8.22 -8.55
N GLY C 254 -3.78 7.39 -8.24
CA GLY C 254 -3.85 6.74 -6.94
C GLY C 254 -4.93 7.36 -6.06
N SER C 255 -5.32 6.61 -5.07
CA SER C 255 -6.26 7.06 -4.07
C SER C 255 -5.61 8.12 -3.19
N PRO C 256 -6.33 9.24 -2.92
CA PRO C 256 -5.74 10.27 -2.07
C PRO C 256 -5.45 9.88 -0.62
N THR C 257 -4.43 10.48 -0.02
CA THR C 257 -4.11 10.23 1.37
C THR C 257 -5.18 10.88 2.27
N ALA C 258 -5.11 10.62 3.57
CA ALA C 258 -6.01 11.22 4.57
C ALA C 258 -5.93 12.75 4.49
N PHE C 259 -4.74 13.34 4.40
CA PHE C 259 -4.68 14.80 4.37
CA PHE C 259 -4.62 14.81 4.35
C PHE C 259 -5.28 15.36 3.10
N ASP C 260 -5.05 14.71 1.98
CA ASP C 260 -5.64 15.24 0.73
C ASP C 260 -7.16 15.14 0.72
N ARG C 261 -7.70 14.06 1.28
CA ARG C 261 -9.15 13.95 1.43
C ARG C 261 -9.77 14.96 2.40
N VAL C 262 -9.09 15.23 3.51
CA VAL C 262 -9.53 16.25 4.46
C VAL C 262 -9.42 17.64 3.81
N LEU C 263 -8.26 17.95 3.23
CA LEU C 263 -8.08 19.25 2.61
C LEU C 263 -9.15 19.48 1.58
N ALA C 264 -9.38 18.47 0.75
CA ALA C 264 -10.37 18.54 -0.32
C ALA C 264 -11.80 18.76 0.17
N SER C 265 -12.16 18.04 1.23
CA SER C 265 -13.45 18.21 1.87
C SER C 265 -13.67 19.61 2.41
N ARG C 266 -12.67 20.14 3.12
CA ARG C 266 -12.74 21.48 3.73
C ARG C 266 -12.73 22.61 2.71
N LEU C 267 -11.91 22.48 1.66
CA LEU C 267 -11.79 23.54 0.65
C LEU C 267 -12.97 23.55 -0.31
N GLY C 268 -13.44 22.38 -0.70
CA GLY C 268 -14.67 22.26 -1.50
C GLY C 268 -15.86 22.91 -0.80
N ALA C 269 -16.04 22.58 0.48
CA ALA C 269 -17.15 23.14 1.26
C ALA C 269 -17.05 24.67 1.41
N ARG C 270 -15.84 25.17 1.61
CA ARG C 270 -15.58 26.60 1.66
C ARG C 270 -15.87 27.34 0.34
N ALA C 271 -15.58 26.69 -0.80
CA ALA C 271 -15.93 27.24 -2.11
C ALA C 271 -17.44 27.45 -2.24
N VAL C 272 -18.23 26.49 -1.77
CA VAL C 272 -19.69 26.60 -1.75
C VAL C 272 -20.15 27.72 -0.79
N GLU C 273 -19.58 27.78 0.41
CA GLU C 273 -19.86 28.86 1.37
C GLU C 273 -19.73 30.25 0.74
N LEU C 274 -18.61 30.45 0.05
CA LEU C 274 -18.32 31.73 -0.62
C LEU C 274 -19.32 32.06 -1.72
N LEU C 275 -19.61 31.09 -2.58
CA LEU C 275 -20.63 31.30 -3.62
C LEU C 275 -22.01 31.65 -3.02
N LEU C 276 -22.41 30.92 -1.97
CA LEU C 276 -23.70 31.16 -1.30
C LEU C 276 -23.74 32.49 -0.53
N GLU C 277 -22.59 32.94 -0.04
CA GLU C 277 -22.47 34.28 0.56
C GLU C 277 -22.32 35.38 -0.49
N GLY C 278 -22.48 35.05 -1.77
CA GLY C 278 -22.35 36.01 -2.85
C GLY C 278 -20.95 36.60 -2.93
N LYS C 279 -19.94 35.75 -2.74
CA LYS C 279 -18.54 36.17 -2.77
C LYS C 279 -17.74 35.43 -3.85
N GLY C 280 -18.10 35.61 -5.12
CA GLY C 280 -17.33 35.03 -6.23
C GLY C 280 -16.02 35.77 -6.51
N GLY C 281 -15.25 35.26 -7.48
CA GLY C 281 -13.96 35.84 -7.84
C GLY C 281 -12.86 35.60 -6.83
N ARG C 282 -12.95 34.49 -6.10
CA ARG C 282 -11.95 34.17 -5.10
C ARG C 282 -11.40 32.76 -5.30
N CYS C 283 -10.35 32.47 -4.56
CA CYS C 283 -9.84 31.13 -4.49
C CYS C 283 -9.67 30.80 -3.00
N VAL C 284 -9.80 29.52 -2.68
CA VAL C 284 -9.70 29.04 -1.31
C VAL C 284 -8.34 28.37 -1.10
N GLY C 285 -7.96 28.19 0.17
CA GLY C 285 -6.72 27.49 0.50
C GLY C 285 -6.54 27.24 1.99
N ILE C 286 -5.41 26.67 2.35
CA ILE C 286 -5.02 26.54 3.74
C ILE C 286 -3.71 27.29 3.87
N GLN C 287 -3.62 28.23 4.80
CA GLN C 287 -2.37 28.93 5.04
C GLN C 287 -2.09 29.03 6.52
N ASN C 288 -0.90 28.63 6.92
CA ASN C 288 -0.57 28.58 8.32
C ASN C 288 -1.66 27.81 9.09
N ASN C 289 -2.03 26.65 8.51
CA ASN C 289 -2.98 25.71 9.10
C ASN C 289 -4.33 26.33 9.39
N GLN C 290 -4.72 27.31 8.60
CA GLN C 290 -6.03 27.94 8.76
C GLN C 290 -6.61 28.04 7.40
N LEU C 291 -7.94 27.92 7.32
CA LEU C 291 -8.64 28.07 6.05
C LEU C 291 -8.68 29.54 5.67
N VAL C 292 -8.42 29.83 4.38
CA VAL C 292 -8.33 31.18 3.88
C VAL C 292 -8.99 31.33 2.50
N ASP C 293 -9.31 32.55 2.12
CA ASP C 293 -9.69 32.81 0.71
C ASP C 293 -9.16 34.18 0.30
N HIS C 294 -8.92 34.34 -1.00
CA HIS C 294 -8.31 35.54 -1.55
C HIS C 294 -8.95 35.86 -2.88
N ASP C 295 -8.89 37.13 -3.26
CA ASP C 295 -9.18 37.54 -4.63
C ASP C 295 -8.22 36.78 -5.56
N ILE C 296 -8.78 36.23 -6.64
CA ILE C 296 -8.01 35.40 -7.58
C ILE C 296 -6.88 36.20 -8.22
N ALA C 297 -7.21 37.43 -8.63
CA ALA C 297 -6.27 38.29 -9.37
C ALA C 297 -5.08 38.64 -8.50
N GLU C 298 -5.32 38.98 -7.24
CA GLU C 298 -4.26 39.24 -6.27
C GLU C 298 -3.43 38.01 -5.98
N ALA C 299 -4.10 36.90 -5.66
CA ALA C 299 -3.42 35.63 -5.41
C ALA C 299 -2.47 35.29 -6.55
N LEU C 300 -2.96 35.34 -7.79
CA LEU C 300 -2.16 35.00 -8.97
C LEU C 300 -0.95 35.91 -9.15
N ALA C 301 -0.99 37.10 -8.56
CA ALA C 301 0.14 38.06 -8.62
C ALA C 301 1.33 37.57 -7.80
N ASN C 302 1.11 36.64 -6.88
CA ASN C 302 2.18 36.14 -6.02
C ASN C 302 3.09 35.10 -6.70
N LYS C 303 4.39 35.30 -6.59
CA LYS C 303 5.37 34.32 -7.02
C LYS C 303 5.37 33.12 -6.03
N HIS C 304 5.59 31.93 -6.58
CA HIS C 304 5.74 30.73 -5.75
C HIS C 304 7.12 30.66 -5.09
N THR C 305 7.14 30.28 -3.81
CA THR C 305 8.38 30.13 -3.02
C THR C 305 8.42 28.74 -2.33
N ILE C 306 9.63 28.24 -2.05
CA ILE C 306 9.82 27.04 -1.19
C ILE C 306 10.59 27.38 0.09
N ASP C 307 10.52 26.52 1.08
CA ASP C 307 11.19 26.75 2.37
C ASP C 307 12.67 26.45 2.17
N GLN C 308 13.49 27.51 2.13
CA GLN C 308 14.95 27.37 1.89
C GLN C 308 15.66 26.66 3.04
N ARG C 309 15.19 26.90 4.26
CA ARG C 309 15.65 26.16 5.45
C ARG C 309 15.48 24.66 5.32
N MET C 310 14.34 24.23 4.80
CA MET C 310 14.09 22.80 4.61
C MET C 310 15.08 22.25 3.60
N TYR C 311 15.40 23.06 2.59
CA TYR C 311 16.38 22.64 1.60
C TYR C 311 17.74 22.49 2.29
N ALA C 312 18.14 23.47 3.10
CA ALA C 312 19.41 23.41 3.82
C ALA C 312 19.45 22.21 4.79
N LEU C 313 18.40 22.04 5.59
CA LEU C 313 18.24 20.85 6.46
C LEU C 313 18.48 19.51 5.75
N SER C 314 17.87 19.35 4.58
CA SER C 314 17.93 18.11 3.84
C SER C 314 19.37 17.77 3.52
N LYS C 315 20.17 18.79 3.22
CA LYS C 315 21.61 18.63 3.04
C LYS C 315 22.32 18.17 4.33
N GLU C 316 22.00 18.82 5.43
CA GLU C 316 22.55 18.48 6.75
C GLU C 316 22.29 17.04 7.22
N LEU C 317 21.09 16.54 6.97
CA LEU C 317 20.69 15.25 7.54
C LEU C 317 21.25 14.08 6.75
N SER C 318 21.62 14.34 5.50
CA SER C 318 22.07 13.31 4.56
C SER C 318 23.60 13.17 4.47
N ILE C 319 24.34 13.74 5.43
CA ILE C 319 25.79 13.49 5.54
C ILE C 319 26.02 12.01 5.85
N MET D 1 27.98 22.12 23.72
CA MET D 1 27.94 20.69 24.10
C MET D 1 28.79 19.87 23.17
N LYS D 2 29.40 18.81 23.71
CA LYS D 2 30.09 17.85 22.90
C LYS D 2 29.40 16.46 22.84
N ARG D 3 28.44 16.22 23.74
CA ARG D 3 27.71 14.97 23.75
C ARG D 3 26.29 15.13 24.20
N ILE D 4 25.38 14.59 23.39
CA ILE D 4 23.98 14.51 23.74
C ILE D 4 23.53 13.08 23.65
N GLY D 5 22.33 12.81 24.16
CA GLY D 5 21.70 11.51 24.07
C GLY D 5 20.33 11.66 23.47
N VAL D 6 19.75 10.54 23.03
CA VAL D 6 18.39 10.52 22.48
C VAL D 6 17.70 9.23 22.90
N LEU D 7 16.39 9.30 23.07
CA LEU D 7 15.64 8.24 23.73
C LEU D 7 14.21 8.25 23.16
N THR D 8 13.58 7.07 23.10
CA THR D 8 12.15 6.97 22.74
C THR D 8 11.31 6.38 23.88
N SER D 9 10.11 6.93 24.04
CA SER D 9 9.28 6.60 25.19
C SER D 9 7.82 6.66 24.73
N GLY D 10 7.00 5.85 25.38
CA GLY D 10 5.57 5.78 25.10
C GLY D 10 5.33 4.66 24.11
N GLY D 11 4.12 4.54 23.62
CA GLY D 11 3.92 3.60 22.53
C GLY D 11 4.76 3.97 21.30
N ALA D 12 5.04 2.97 20.44
CA ALA D 12 5.66 3.24 19.13
C ALA D 12 4.79 4.18 18.31
N SER D 13 5.42 4.98 17.45
CA SER D 13 4.73 5.88 16.56
C SER D 13 5.46 5.91 15.22
N PRO D 14 4.72 5.78 14.11
CA PRO D 14 5.44 5.85 12.87
C PRO D 14 6.17 7.22 12.78
N GLY D 15 7.47 7.20 12.51
CA GLY D 15 8.30 8.39 12.33
C GLY D 15 9.32 8.57 13.45
N MET D 16 9.25 7.77 14.49
CA MET D 16 10.20 7.87 15.59
C MET D 16 11.60 7.68 15.09
N ASN D 17 11.78 6.72 14.19
CA ASN D 17 13.07 6.49 13.54
C ASN D 17 13.63 7.66 12.73
N ALA D 18 12.79 8.27 11.88
CA ALA D 18 13.11 9.52 11.20
C ALA D 18 13.58 10.63 12.17
N ALA D 19 12.94 10.70 13.33
CA ALA D 19 13.32 11.62 14.39
C ALA D 19 14.65 11.25 15.01
N ILE D 20 14.84 9.96 15.31
CA ILE D 20 16.13 9.54 15.84
C ILE D 20 17.26 9.91 14.87
N ARG D 21 17.03 9.61 13.59
CA ARG D 21 17.96 9.88 12.51
C ARG D 21 18.32 11.35 12.45
N SER D 22 17.29 12.18 12.49
CA SER D 22 17.45 13.63 12.47
C SER D 22 18.28 14.16 13.64
N VAL D 23 18.03 13.67 14.84
CA VAL D 23 18.81 14.08 16.02
C VAL D 23 20.29 13.70 15.89
N VAL D 24 20.55 12.48 15.41
CA VAL D 24 21.93 11.99 15.27
C VAL D 24 22.67 12.78 14.21
N ARG D 25 22.07 12.89 13.04
CA ARG D 25 22.69 13.56 11.92
C ARG D 25 22.84 15.06 12.13
N LYS D 26 21.87 15.73 12.75
CA LYS D 26 22.01 17.16 13.06
C LYS D 26 23.14 17.42 14.06
N ALA D 27 23.23 16.59 15.09
CA ALA D 27 24.32 16.70 16.07
C ALA D 27 25.68 16.47 15.45
N ILE D 28 25.79 15.42 14.65
CA ILE D 28 27.06 15.06 14.05
C ILE D 28 27.52 16.16 13.08
N TYR D 29 26.57 16.79 12.39
CA TYR D 29 26.85 17.89 11.47
C TYR D 29 27.54 19.08 12.16
N HIS D 30 27.16 19.32 13.40
CA HIS D 30 27.72 20.37 14.20
C HIS D 30 28.81 19.80 15.10
N GLY D 31 29.35 18.64 14.75
CA GLY D 31 30.49 18.08 15.47
C GLY D 31 30.21 17.64 16.89
N VAL D 32 28.96 17.25 17.14
CA VAL D 32 28.55 16.77 18.46
C VAL D 32 28.24 15.28 18.37
N GLU D 33 28.63 14.53 19.41
CA GLU D 33 28.38 13.10 19.48
C GLU D 33 26.98 12.80 20.00
N VAL D 34 26.39 11.72 19.51
CA VAL D 34 25.08 11.30 19.99
C VAL D 34 25.16 9.86 20.49
N TYR D 35 24.73 9.67 21.74
CA TYR D 35 24.60 8.35 22.35
C TYR D 35 23.14 7.96 22.38
N GLY D 36 22.84 6.73 21.96
CA GLY D 36 21.51 6.20 22.01
C GLY D 36 21.20 5.60 23.36
N VAL D 37 20.03 5.91 23.89
CA VAL D 37 19.56 5.35 25.17
C VAL D 37 18.44 4.41 24.80
N TYR D 38 18.65 3.13 25.08
CA TYR D 38 17.75 2.06 24.68
C TYR D 38 16.70 1.80 25.77
N HIS D 39 15.46 1.52 25.35
CA HIS D 39 14.34 1.19 26.24
C HIS D 39 13.83 2.33 27.11
N GLY D 40 13.76 3.53 26.53
CA GLY D 40 13.31 4.70 27.26
C GLY D 40 14.07 5.06 28.53
N TYR D 41 13.31 5.50 29.52
CA TYR D 41 13.87 5.88 30.81
C TYR D 41 14.30 4.69 31.66
N ALA D 42 13.67 3.54 31.42
CA ALA D 42 14.00 2.28 32.08
C ALA D 42 15.43 1.91 31.75
N GLY D 43 15.76 2.04 30.47
CA GLY D 43 17.08 1.78 29.94
C GLY D 43 18.07 2.85 30.36
N LEU D 44 17.60 4.09 30.48
CA LEU D 44 18.41 5.18 31.01
C LEU D 44 18.89 4.86 32.42
N ILE D 45 17.96 4.48 33.30
CA ILE D 45 18.24 4.03 34.65
C ILE D 45 19.15 2.80 34.71
N ALA D 46 19.01 1.88 33.77
CA ALA D 46 19.83 0.68 33.74
C ALA D 46 21.19 0.90 33.07
N GLY D 47 21.38 2.02 32.39
CA GLY D 47 22.66 2.32 31.76
C GLY D 47 22.81 1.67 30.40
N ASN D 48 21.68 1.48 29.74
CA ASN D 48 21.61 0.81 28.45
C ASN D 48 21.82 1.85 27.34
N ILE D 49 23.07 2.24 27.19
CA ILE D 49 23.47 3.45 26.47
C ILE D 49 24.61 3.06 25.56
N LYS D 50 24.56 3.51 24.31
CA LYS D 50 25.54 3.13 23.30
C LYS D 50 25.67 4.22 22.24
N LYS D 51 26.90 4.65 21.96
CA LYS D 51 27.15 5.62 20.91
C LYS D 51 26.45 5.26 19.59
N LEU D 52 25.83 6.26 18.98
CA LEU D 52 25.22 6.12 17.67
C LEU D 52 26.10 6.83 16.67
N GLU D 53 26.63 6.11 15.70
CA GLU D 53 27.47 6.68 14.64
C GLU D 53 26.62 7.14 13.45
N VAL D 54 27.17 8.02 12.60
CA VAL D 54 26.46 8.47 11.40
C VAL D 54 25.62 7.40 10.73
N GLY D 55 26.25 6.25 10.50
CA GLY D 55 25.66 5.18 9.70
C GLY D 55 24.70 4.29 10.45
N ASP D 56 24.64 4.44 11.77
CA ASP D 56 23.79 3.60 12.61
C ASP D 56 22.31 3.99 12.48
N VAL D 57 22.06 5.18 11.94
CA VAL D 57 20.72 5.70 11.63
C VAL D 57 20.47 5.67 10.11
N GLY D 58 21.32 4.95 9.40
CA GLY D 58 21.12 4.63 7.99
C GLY D 58 20.06 3.57 7.83
N ASP D 59 19.26 3.71 6.78
CA ASP D 59 18.12 2.82 6.47
C ASP D 59 17.07 2.65 7.60
N ILE D 60 16.90 3.70 8.40
CA ILE D 60 15.81 3.71 9.37
C ILE D 60 14.74 4.77 9.03
N ILE D 61 15.01 5.73 8.13
CA ILE D 61 14.09 6.86 7.89
C ILE D 61 12.71 6.36 7.48
N HIS D 62 12.70 5.31 6.68
CA HIS D 62 11.46 4.77 6.13
C HIS D 62 10.83 3.65 6.98
N ARG D 63 11.41 3.37 8.14
CA ARG D 63 11.01 2.21 8.95
C ARG D 63 10.09 2.59 10.10
N GLY D 64 9.06 1.79 10.31
CA GLY D 64 8.21 1.97 11.50
C GLY D 64 8.95 1.62 12.77
N GLY D 65 8.27 1.83 13.91
CA GLY D 65 8.81 1.51 15.23
C GLY D 65 9.90 2.45 15.69
N THR D 66 10.81 1.91 16.52
CA THR D 66 11.94 2.63 17.01
C THR D 66 13.13 1.70 17.23
N ILE D 67 14.28 1.99 16.61
CA ILE D 67 15.51 1.19 16.80
C ILE D 67 16.08 1.23 18.22
N LEU D 68 15.63 2.20 19.02
CA LEU D 68 16.11 2.35 20.42
C LEU D 68 15.16 1.68 21.38
N TYR D 69 14.02 1.24 20.88
CA TYR D 69 13.00 0.57 21.69
C TYR D 69 12.33 1.54 22.63
N THR D 70 11.20 1.10 23.16
CA THR D 70 10.46 1.87 24.11
C THR D 70 10.02 0.96 25.28
N ALA D 71 9.92 1.53 26.48
CA ALA D 71 9.62 0.77 27.71
C ALA D 71 8.92 1.69 28.69
N ARG D 72 8.05 1.16 29.55
CA ARG D 72 7.50 1.95 30.66
C ARG D 72 8.52 2.08 31.80
N CYS D 73 8.49 3.23 32.49
CA CYS D 73 9.32 3.46 33.66
C CYS D 73 8.62 4.35 34.70
N PRO D 74 7.79 3.74 35.57
CA PRO D 74 7.19 4.46 36.69
C PRO D 74 8.23 4.98 37.70
N GLU D 75 9.35 4.28 37.83
CA GLU D 75 10.43 4.68 38.73
C GLU D 75 11.00 6.07 38.37
N PHE D 76 10.95 6.43 37.09
CA PHE D 76 11.42 7.75 36.64
C PHE D 76 10.49 8.87 37.10
N LYS D 77 9.29 8.49 37.55
CA LYS D 77 8.36 9.42 38.17
C LYS D 77 8.69 9.69 39.67
N THR D 78 9.82 9.16 40.15
CA THR D 78 10.24 9.34 41.54
C THR D 78 11.55 10.11 41.62
N GLU D 79 11.84 10.68 42.80
CA GLU D 79 13.11 11.36 43.02
C GLU D 79 14.29 10.41 42.82
N GLU D 80 14.20 9.17 43.31
CA GLU D 80 15.29 8.19 43.14
C GLU D 80 15.62 7.92 41.69
N GLY D 81 14.58 7.76 40.87
CA GLY D 81 14.74 7.42 39.46
C GLY D 81 15.35 8.53 38.65
N GLN D 82 14.94 9.74 38.95
CA GLN D 82 15.58 10.92 38.39
CA GLN D 82 15.59 10.94 38.42
C GLN D 82 17.07 10.98 38.82
N LYS D 83 17.34 10.69 40.08
CA LYS D 83 18.72 10.66 40.56
C LYS D 83 19.57 9.64 39.78
N LYS D 84 19.12 8.39 39.76
CA LYS D 84 19.82 7.33 39.04
C LYS D 84 19.93 7.57 37.53
N GLY D 85 18.90 8.15 36.93
CA GLY D 85 18.96 8.55 35.54
C GLY D 85 20.03 9.59 35.27
N ILE D 86 20.07 10.64 36.11
CA ILE D 86 21.08 11.70 35.95
C ILE D 86 22.49 11.14 36.16
N GLU D 87 22.65 10.24 37.12
CA GLU D 87 23.93 9.56 37.37
C GLU D 87 24.42 8.83 36.11
N GLN D 88 23.52 8.23 35.35
CA GLN D 88 23.90 7.48 34.16
C GLN D 88 24.28 8.43 33.03
N LEU D 89 23.51 9.51 32.90
CA LEU D 89 23.82 10.56 31.94
C LEU D 89 25.24 11.07 32.18
N LYS D 90 25.49 11.51 33.41
CA LYS D 90 26.80 12.08 33.78
C LYS D 90 27.91 11.07 33.60
N LYS D 91 27.70 9.84 34.06
CA LYS D 91 28.67 8.74 33.93
C LYS D 91 29.10 8.53 32.47
N HIS D 92 28.15 8.73 31.55
CA HIS D 92 28.39 8.53 30.13
C HIS D 92 28.78 9.83 29.41
N GLY D 93 28.94 10.91 30.18
CA GLY D 93 29.38 12.20 29.64
C GLY D 93 28.34 12.83 28.72
N ILE D 94 27.07 12.50 28.92
CA ILE D 94 25.97 13.09 28.13
C ILE D 94 25.58 14.41 28.77
N GLU D 95 25.63 15.49 28.01
CA GLU D 95 25.34 16.83 28.53
C GLU D 95 23.91 17.34 28.30
N GLY D 96 23.18 16.66 27.41
CA GLY D 96 21.78 16.98 27.17
C GLY D 96 21.07 15.82 26.52
N LEU D 97 19.74 15.77 26.66
CA LEU D 97 18.91 14.66 26.22
C LEU D 97 17.74 15.11 25.37
N VAL D 98 17.55 14.48 24.21
CA VAL D 98 16.33 14.57 23.42
C VAL D 98 15.46 13.35 23.75
N VAL D 99 14.23 13.63 24.15
CA VAL D 99 13.24 12.62 24.41
C VAL D 99 12.14 12.70 23.35
N ILE D 100 11.99 11.61 22.61
CA ILE D 100 10.95 11.50 21.56
C ILE D 100 9.82 10.59 22.07
N GLY D 101 8.62 11.14 22.26
CA GLY D 101 7.49 10.34 22.66
C GLY D 101 6.24 11.12 23.02
N GLY D 102 5.49 10.57 23.98
CA GLY D 102 4.24 11.17 24.44
C GLY D 102 4.33 11.90 25.77
N ASP D 103 3.20 11.96 26.47
CA ASP D 103 3.11 12.62 27.76
C ASP D 103 4.10 12.09 28.79
N GLY D 104 4.19 10.77 28.92
CA GLY D 104 5.13 10.22 29.89
C GLY D 104 6.54 10.74 29.66
N SER D 105 6.87 10.90 28.39
CA SER D 105 8.19 11.30 28.01
C SER D 105 8.42 12.76 28.38
N TYR D 106 7.37 13.59 28.23
CA TYR D 106 7.44 15.03 28.53
C TYR D 106 7.46 15.32 30.01
N GLN D 107 6.72 14.55 30.79
CA GLN D 107 6.79 14.70 32.24
C GLN D 107 8.22 14.41 32.71
N GLY D 108 8.84 13.39 32.10
CA GLY D 108 10.21 13.06 32.43
C GLY D 108 11.18 14.18 32.07
N ALA D 109 10.92 14.86 30.96
CA ALA D 109 11.73 15.98 30.47
C ALA D 109 11.63 17.18 31.40
N LYS D 110 10.42 17.45 31.85
CA LYS D 110 10.19 18.49 32.84
C LYS D 110 10.98 18.21 34.12
N LYS D 111 10.80 17.03 34.69
CA LYS D 111 11.54 16.66 35.89
C LYS D 111 13.05 16.79 35.75
N LEU D 112 13.59 16.28 34.65
CA LEU D 112 15.01 16.42 34.36
C LEU D 112 15.49 17.87 34.44
N THR D 113 14.72 18.77 33.84
CA THR D 113 15.16 20.13 33.74
C THR D 113 15.00 20.85 35.10
N GLU D 114 14.00 20.45 35.90
CA GLU D 114 13.94 20.89 37.31
C GLU D 114 15.16 20.42 38.12
N HIS D 115 15.75 19.30 37.70
CA HIS D 115 17.00 18.80 38.27
C HIS D 115 18.26 19.33 37.57
N GLY D 116 18.08 20.34 36.74
CA GLY D 116 19.16 21.04 36.08
C GLY D 116 19.85 20.27 34.99
N PHE D 117 19.17 19.25 34.43
CA PHE D 117 19.73 18.53 33.29
C PHE D 117 18.99 18.95 32.03
N PRO D 118 19.72 19.47 31.02
CA PRO D 118 19.06 19.94 29.79
C PRO D 118 18.36 18.82 29.01
N CYS D 119 17.12 19.09 28.61
CA CYS D 119 16.30 18.08 27.98
C CYS D 119 15.26 18.77 27.11
N VAL D 120 15.06 18.22 25.91
CA VAL D 120 14.06 18.75 24.98
C VAL D 120 13.14 17.62 24.55
N GLY D 121 11.83 17.86 24.60
CA GLY D 121 10.83 16.91 24.14
C GLY D 121 10.43 17.09 22.69
N VAL D 122 10.27 15.96 21.99
CA VAL D 122 9.79 15.90 20.61
C VAL D 122 8.52 15.05 20.56
N PRO D 123 7.45 15.58 19.92
CA PRO D 123 6.14 14.91 20.00
C PRO D 123 5.99 13.70 19.10
N GLY D 124 5.99 12.53 19.73
CA GLY D 124 5.97 11.26 19.01
C GLY D 124 4.88 10.35 19.49
N THR D 125 3.71 10.43 18.84
CA THR D 125 2.57 9.56 19.17
C THR D 125 1.53 9.64 18.06
N ILE D 126 0.73 8.60 17.90
CA ILE D 126 -0.25 8.54 16.83
C ILE D 126 -1.48 9.40 17.13
N ASP D 127 -1.64 9.77 18.38
CA ASP D 127 -2.95 10.22 18.79
C ASP D 127 -3.12 11.73 18.84
N ASN D 128 -2.05 12.46 18.51
CA ASN D 128 -2.09 13.91 18.36
C ASN D 128 -2.36 14.68 19.65
N ASP D 129 -2.19 14.02 20.79
CA ASP D 129 -2.60 14.57 22.08
C ASP D 129 -1.34 14.97 22.84
N ILE D 130 -0.58 15.89 22.27
CA ILE D 130 0.62 16.40 22.90
C ILE D 130 0.56 17.91 22.68
N PRO D 131 0.86 18.68 23.74
CA PRO D 131 0.80 20.13 23.59
C PRO D 131 2.02 20.75 22.90
N GLY D 132 1.85 21.98 22.45
CA GLY D 132 2.91 22.69 21.76
C GLY D 132 3.00 22.35 20.29
N THR D 133 2.06 21.54 19.80
CA THR D 133 2.08 21.09 18.39
C THR D 133 0.65 20.85 17.89
N ASP D 134 0.38 21.27 16.64
CA ASP D 134 -0.90 20.99 15.98
C ASP D 134 -1.01 19.50 15.63
N PHE D 135 0.15 18.92 15.29
CA PHE D 135 0.29 17.55 14.88
C PHE D 135 1.45 16.85 15.55
N THR D 136 1.24 15.60 15.96
CA THR D 136 2.31 14.77 16.54
C THR D 136 2.88 13.86 15.44
N ILE D 137 4.12 13.38 15.61
CA ILE D 137 4.75 12.49 14.63
C ILE D 137 4.12 11.09 14.77
N GLY D 138 3.41 10.63 13.72
CA GLY D 138 2.73 9.33 13.69
C GLY D 138 1.23 9.47 13.44
N PHE D 139 0.71 10.65 13.70
CA PHE D 139 -0.70 10.91 13.56
C PHE D 139 -1.18 10.69 12.13
N ASP D 140 -0.55 11.35 11.16
CA ASP D 140 -0.90 11.22 9.74
C ASP D 140 -0.82 9.77 9.21
N THR D 141 0.22 9.04 9.63
CA THR D 141 0.34 7.62 9.28
C THR D 141 -0.83 6.84 9.86
N ALA D 142 -1.11 7.02 11.14
CA ALA D 142 -2.24 6.31 11.74
C ALA D 142 -3.52 6.60 10.97
N LEU D 143 -3.69 7.83 10.48
CA LEU D 143 -4.91 8.19 9.73
C LEU D 143 -5.03 7.40 8.46
N ASN D 144 -3.89 7.20 7.81
CA ASN D 144 -3.84 6.48 6.57
C ASN D 144 -4.03 4.97 6.81
N THR D 145 -3.55 4.45 7.92
CA THR D 145 -3.85 3.08 8.33
C THR D 145 -5.33 2.87 8.54
N VAL D 146 -6.00 3.82 9.18
CA VAL D 146 -7.44 3.72 9.37
C VAL D 146 -8.23 3.80 8.09
N ILE D 147 -7.96 4.77 7.24
CA ILE D 147 -8.73 4.84 5.98
C ILE D 147 -8.50 3.66 5.03
N ASP D 148 -7.35 3.02 5.09
CA ASP D 148 -7.14 1.75 4.36
C ASP D 148 -8.25 0.75 4.72
N ALA D 149 -8.54 0.68 6.01
CA ALA D 149 -9.54 -0.23 6.52
C ALA D 149 -10.92 0.23 6.08
N ILE D 150 -11.20 1.53 6.20
CA ILE D 150 -12.50 2.10 5.76
C ILE D 150 -12.70 1.89 4.27
N ASP D 151 -11.67 2.16 3.48
CA ASP D 151 -11.73 1.96 2.02
C ASP D 151 -12.12 0.52 1.65
N LYS D 152 -11.51 -0.45 2.33
CA LYS D 152 -11.78 -1.86 2.09
C LYS D 152 -13.22 -2.25 2.47
N ILE D 153 -13.72 -1.71 3.57
CA ILE D 153 -15.10 -1.97 3.98
C ILE D 153 -16.11 -1.41 2.96
N ARG D 154 -15.78 -0.29 2.32
CA ARG D 154 -16.63 0.22 1.23
C ARG D 154 -16.82 -0.78 0.10
N ASP D 155 -15.86 -1.66 -0.13
CA ASP D 155 -15.99 -2.69 -1.18
C ASP D 155 -16.92 -3.85 -0.82
N THR D 156 -17.24 -4.01 0.45
CA THR D 156 -17.88 -5.22 0.94
C THR D 156 -19.36 -5.05 1.26
N ALA D 157 -19.93 -3.88 0.97
CA ALA D 157 -21.29 -3.57 1.42
C ALA D 157 -22.36 -4.32 0.61
N THR D 158 -22.96 -5.34 1.23
CA THR D 158 -24.14 -6.05 0.70
C THR D 158 -25.39 -5.26 1.09
N SER D 159 -26.55 -5.69 0.62
CA SER D 159 -27.82 -5.07 0.98
C SER D 159 -28.29 -5.38 2.42
N HIS D 160 -27.95 -6.58 2.91
CA HIS D 160 -28.30 -7.00 4.27
C HIS D 160 -27.17 -6.77 5.30
N GLU D 161 -25.95 -6.50 4.82
CA GLU D 161 -24.85 -6.06 5.67
C GLU D 161 -24.28 -4.76 5.09
N ARG D 162 -24.86 -3.64 5.50
CA ARG D 162 -24.39 -2.36 5.00
C ARG D 162 -24.15 -1.36 6.14
N THR D 163 -23.92 -1.90 7.36
CA THR D 163 -23.65 -1.09 8.57
C THR D 163 -22.40 -1.59 9.29
N TYR D 164 -21.40 -0.71 9.41
CA TYR D 164 -20.07 -1.07 9.87
C TYR D 164 -19.57 -0.12 10.98
N VAL D 165 -19.09 -0.69 12.07
CA VAL D 165 -18.45 0.09 13.12
C VAL D 165 -16.97 -0.22 13.13
N ILE D 166 -16.17 0.83 13.19
CA ILE D 166 -14.74 0.65 13.24
C ILE D 166 -14.24 1.35 14.45
N GLU D 167 -13.61 0.60 15.33
CA GLU D 167 -13.03 1.18 16.53
C GLU D 167 -11.55 1.61 16.31
N VAL D 168 -11.30 2.89 16.54
CA VAL D 168 -9.99 3.47 16.36
C VAL D 168 -9.38 3.84 17.71
N MET D 169 -8.09 4.14 17.69
CA MET D 169 -7.37 4.54 18.88
C MET D 169 -7.53 6.05 19.17
N GLY D 170 -6.96 6.48 20.29
CA GLY D 170 -7.17 7.81 20.86
C GLY D 170 -8.05 7.72 22.11
N ARG D 171 -7.37 7.39 23.22
CA ARG D 171 -7.97 7.42 24.54
C ARG D 171 -7.85 8.85 24.92
N HIS D 172 -8.89 9.44 25.45
CA HIS D 172 -8.90 10.88 25.71
C HIS D 172 -9.07 11.75 24.47
N ALA D 173 -8.37 11.48 23.36
CA ALA D 173 -8.40 12.36 22.16
C ALA D 173 -9.17 11.76 20.96
N GLY D 174 -10.05 12.56 20.35
CA GLY D 174 -10.87 12.14 19.22
C GLY D 174 -10.25 12.42 17.85
N ASP D 175 -9.02 12.92 17.85
CA ASP D 175 -8.37 13.33 16.60
C ASP D 175 -8.34 12.25 15.52
N ILE D 176 -7.91 11.04 15.87
CA ILE D 176 -7.87 9.92 14.88
C ILE D 176 -9.29 9.67 14.30
N ALA D 177 -10.26 9.56 15.18
CA ALA D 177 -11.62 9.28 14.73
C ALA D 177 -12.14 10.42 13.83
N LEU D 178 -11.90 11.66 14.25
CA LEU D 178 -12.41 12.82 13.52
C LEU D 178 -11.79 12.91 12.15
N TRP D 179 -10.46 12.90 12.09
CA TRP D 179 -9.76 13.06 10.81
C TRP D 179 -9.93 11.88 9.86
N SER D 180 -9.89 10.66 10.40
CA SER D 180 -10.13 9.47 9.59
C SER D 180 -11.60 9.36 9.19
N GLY D 181 -12.49 9.70 10.10
CA GLY D 181 -13.92 9.82 9.77
C GLY D 181 -14.25 10.73 8.59
N LEU D 182 -13.78 11.98 8.67
CA LEU D 182 -13.94 12.95 7.57
C LEU D 182 -13.32 12.46 6.27
N ALA D 183 -12.08 11.98 6.37
CA ALA D 183 -11.32 11.41 5.22
C ALA D 183 -11.99 10.16 4.66
N GLY D 184 -12.69 9.44 5.52
CA GLY D 184 -13.28 8.19 5.12
C GLY D 184 -14.73 8.28 4.73
N GLY D 185 -15.34 9.46 4.84
CA GLY D 185 -16.74 9.62 4.53
C GLY D 185 -17.63 8.90 5.55
N ALA D 186 -17.16 8.81 6.80
CA ALA D 186 -17.96 8.21 7.86
C ALA D 186 -19.25 9.00 8.07
N GLU D 187 -20.35 8.26 8.20
CA GLU D 187 -21.65 8.83 8.50
C GLU D 187 -21.77 9.35 9.95
N THR D 188 -21.13 8.66 10.88
CA THR D 188 -21.13 9.05 12.26
C THR D 188 -19.76 8.81 12.89
N ILE D 189 -19.31 9.78 13.68
CA ILE D 189 -18.02 9.76 14.38
C ILE D 189 -18.26 10.08 15.85
N LEU D 190 -17.89 9.14 16.73
CA LEU D 190 -18.05 9.31 18.16
C LEU D 190 -16.72 9.65 18.80
N ILE D 191 -16.62 10.87 19.32
CA ILE D 191 -15.38 11.37 19.90
C ILE D 191 -15.67 11.89 21.29
N PRO D 192 -14.63 11.90 22.18
CA PRO D 192 -14.80 12.41 23.54
C PRO D 192 -15.21 13.88 23.60
N GLU D 193 -14.75 14.68 22.64
CA GLU D 193 -14.83 16.16 22.74
C GLU D 193 -16.05 16.77 22.05
N ALA D 194 -16.93 15.93 21.54
CA ALA D 194 -18.18 16.41 20.98
C ALA D 194 -19.28 15.45 21.42
N ASP D 195 -20.46 16.01 21.68
CA ASP D 195 -21.55 15.21 22.19
C ASP D 195 -22.23 14.40 21.10
N TYR D 196 -22.64 13.19 21.46
CA TYR D 196 -23.41 12.34 20.57
C TYR D 196 -24.58 11.80 21.37
N ASP D 197 -25.56 11.30 20.62
CA ASP D 197 -26.78 10.78 21.16
C ASP D 197 -27.18 9.65 20.23
N MET D 198 -27.34 8.45 20.79
CA MET D 198 -27.66 7.25 20.00
C MET D 198 -28.94 7.41 19.15
N ASN D 199 -29.88 8.22 19.61
CA ASN D 199 -31.07 8.55 18.83
C ASN D 199 -30.76 9.25 17.51
N ASP D 200 -29.75 10.11 17.52
CA ASP D 200 -29.32 10.80 16.32
C ASP D 200 -28.57 9.82 15.39
N VAL D 201 -27.78 8.94 15.98
CA VAL D 201 -27.01 7.97 15.22
C VAL D 201 -27.96 7.04 14.44
N ILE D 202 -29.01 6.59 15.12
CA ILE D 202 -29.99 5.68 14.53
C ILE D 202 -30.85 6.41 13.49
N ALA D 203 -31.31 7.61 13.82
CA ALA D 203 -32.04 8.43 12.87
C ALA D 203 -31.25 8.69 11.58
N ARG D 204 -29.96 9.05 11.71
CA ARG D 204 -29.07 9.25 10.56
C ARG D 204 -28.92 8.00 9.69
N LEU D 205 -28.83 6.83 10.33
CA LEU D 205 -28.74 5.53 9.65
C LEU D 205 -29.94 5.32 8.77
N LYS D 206 -31.12 5.45 9.37
CA LYS D 206 -32.39 5.23 8.68
C LYS D 206 -32.56 6.25 7.59
N ARG D 207 -32.23 7.51 7.89
CA ARG D 207 -32.34 8.63 6.94
C ARG D 207 -31.49 8.41 5.67
N GLY D 208 -30.29 7.87 5.83
CA GLY D 208 -29.42 7.51 4.71
C GLY D 208 -29.91 6.31 3.92
N HIS D 209 -30.34 5.27 4.64
CA HIS D 209 -30.91 4.08 4.01
C HIS D 209 -32.10 4.41 3.09
N GLU D 210 -33.07 5.17 3.60
CA GLU D 210 -34.22 5.58 2.80
C GLU D 210 -33.79 6.34 1.54
N ARG D 211 -32.81 7.23 1.65
CA ARG D 211 -32.35 7.99 0.47
C ARG D 211 -31.54 7.13 -0.53
N GLY D 212 -31.11 5.96 -0.10
CA GLY D 212 -30.39 5.03 -0.96
C GLY D 212 -28.89 5.05 -0.77
N LYS D 213 -28.43 5.49 0.41
CA LYS D 213 -27.01 5.44 0.76
C LYS D 213 -26.65 3.96 0.84
N LYS D 214 -25.56 3.58 0.18
CA LYS D 214 -25.18 2.17 0.00
C LYS D 214 -24.73 1.49 1.28
N HIS D 215 -24.20 2.29 2.21
CA HIS D 215 -23.70 1.77 3.49
C HIS D 215 -23.48 2.91 4.47
N SER D 216 -23.46 2.56 5.76
CA SER D 216 -23.10 3.47 6.85
C SER D 216 -21.84 2.98 7.59
N ILE D 217 -20.83 3.84 7.63
CA ILE D 217 -19.59 3.58 8.37
C ILE D 217 -19.59 4.48 9.62
N ILE D 218 -19.52 3.84 10.78
CA ILE D 218 -19.46 4.54 12.06
C ILE D 218 -18.07 4.37 12.69
N ILE D 219 -17.40 5.49 12.97
CA ILE D 219 -16.08 5.51 13.60
C ILE D 219 -16.26 5.84 15.06
N VAL D 220 -15.72 4.97 15.91
CA VAL D 220 -15.82 5.10 17.35
C VAL D 220 -14.41 5.22 17.92
N ALA D 221 -14.10 6.35 18.55
CA ALA D 221 -12.88 6.52 19.33
C ALA D 221 -12.94 5.61 20.54
N GLU D 222 -11.88 4.86 20.78
CA GLU D 222 -11.83 3.96 21.94
C GLU D 222 -12.07 4.66 23.27
N GLY D 223 -11.71 5.94 23.38
CA GLY D 223 -12.01 6.72 24.58
C GLY D 223 -13.48 6.98 24.81
N VAL D 224 -14.31 6.73 23.80
CA VAL D 224 -15.76 6.82 23.94
C VAL D 224 -16.32 5.46 24.36
N GLY D 225 -15.79 4.38 23.80
CA GLY D 225 -16.24 3.06 24.17
C GLY D 225 -15.82 2.00 23.21
N SER D 226 -16.47 0.85 23.35
CA SER D 226 -16.12 -0.34 22.62
C SER D 226 -16.96 -0.44 21.34
N GLY D 227 -16.29 -0.68 20.22
CA GLY D 227 -16.96 -0.85 18.93
C GLY D 227 -17.92 -2.02 18.93
N VAL D 228 -17.50 -3.11 19.56
CA VAL D 228 -18.32 -4.30 19.68
C VAL D 228 -19.63 -3.98 20.39
N ASP D 229 -19.53 -3.14 21.43
CA ASP D 229 -20.68 -2.70 22.22
C ASP D 229 -21.60 -1.84 21.37
N PHE D 230 -21.06 -0.82 20.71
CA PHE D 230 -21.88 0.05 19.86
C PHE D 230 -22.55 -0.70 18.72
N GLY D 231 -21.82 -1.62 18.12
CA GLY D 231 -22.37 -2.41 17.04
C GLY D 231 -23.60 -3.21 17.46
N ARG D 232 -23.47 -3.90 18.59
CA ARG D 232 -24.59 -4.62 19.21
C ARG D 232 -25.79 -3.72 19.45
N GLN D 233 -25.54 -2.54 20.00
CA GLN D 233 -26.61 -1.61 20.28
C GLN D 233 -27.36 -1.25 19.01
N ILE D 234 -26.61 -0.90 17.97
CA ILE D 234 -27.21 -0.53 16.68
C ILE D 234 -28.02 -1.72 16.08
N GLN D 235 -27.43 -2.91 16.05
CA GLN D 235 -28.13 -4.07 15.50
C GLN D 235 -29.39 -4.38 16.30
N GLU D 236 -29.28 -4.33 17.62
CA GLU D 236 -30.39 -4.72 18.50
C GLU D 236 -31.56 -3.69 18.42
N ALA D 237 -31.20 -2.42 18.23
CA ALA D 237 -32.19 -1.34 18.11
C ALA D 237 -32.88 -1.28 16.74
N THR D 238 -32.17 -1.62 15.66
CA THR D 238 -32.63 -1.37 14.30
C THR D 238 -32.91 -2.61 13.48
N GLY D 239 -32.46 -3.76 13.96
CA GLY D 239 -32.44 -4.95 13.12
C GLY D 239 -31.52 -4.88 11.91
N PHE D 240 -30.74 -3.80 11.74
CA PHE D 240 -29.70 -3.77 10.70
C PHE D 240 -28.50 -4.59 11.16
N GLU D 241 -28.17 -5.66 10.43
CA GLU D 241 -26.97 -6.44 10.76
C GLU D 241 -25.72 -5.56 10.69
N THR D 242 -24.95 -5.54 11.79
CA THR D 242 -23.85 -4.61 11.96
C THR D 242 -22.54 -5.39 12.15
N ARG D 243 -21.50 -4.98 11.43
CA ARG D 243 -20.22 -5.67 11.49
C ARG D 243 -19.17 -4.75 12.09
N VAL D 244 -18.21 -5.33 12.81
CA VAL D 244 -17.32 -4.54 13.65
C VAL D 244 -15.86 -4.91 13.43
N THR D 245 -15.03 -3.86 13.36
CA THR D 245 -13.60 -3.99 13.10
C THR D 245 -12.99 -3.21 14.25
N VAL D 246 -12.07 -3.85 14.95
CA VAL D 246 -11.29 -3.17 15.95
C VAL D 246 -9.87 -3.32 15.46
N LEU D 247 -9.27 -2.23 15.01
CA LEU D 247 -7.93 -2.25 14.40
C LEU D 247 -6.79 -2.50 15.40
N GLY D 248 -6.90 -1.89 16.56
CA GLY D 248 -5.91 -2.08 17.59
C GLY D 248 -4.55 -1.48 17.25
N HIS D 249 -3.50 -2.09 17.77
CA HIS D 249 -2.15 -1.57 17.69
C HIS D 249 -1.55 -1.51 16.28
N VAL D 250 -2.23 -2.12 15.30
CA VAL D 250 -1.96 -1.85 13.88
C VAL D 250 -1.75 -0.35 13.61
N GLN D 251 -2.48 0.50 14.35
CA GLN D 251 -2.47 1.93 14.10
C GLN D 251 -1.13 2.58 14.46
N ARG D 252 -0.36 1.95 15.33
CA ARG D 252 0.95 2.44 15.75
C ARG D 252 2.07 1.96 14.85
N GLY D 253 1.73 1.07 13.93
CA GLY D 253 2.72 0.40 13.12
C GLY D 253 2.76 0.89 11.69
N GLY D 254 3.80 0.45 11.00
CA GLY D 254 3.99 0.75 9.59
C GLY D 254 4.99 1.85 9.32
N SER D 255 5.35 1.95 8.04
CA SER D 255 6.25 2.94 7.53
C SER D 255 5.56 4.31 7.65
N PRO D 256 6.28 5.31 8.21
CA PRO D 256 5.71 6.65 8.25
C PRO D 256 5.36 7.25 6.87
N THR D 257 4.32 8.06 6.78
CA THR D 257 4.05 8.82 5.56
C THR D 257 5.06 9.93 5.36
N ALA D 258 5.06 10.51 4.18
CA ALA D 258 5.91 11.66 3.87
C ALA D 258 5.79 12.78 4.89
N PHE D 259 4.57 13.13 5.27
CA PHE D 259 4.39 14.23 6.20
CA PHE D 259 4.35 14.20 6.24
C PHE D 259 5.03 13.89 7.55
N ASP D 260 4.86 12.64 8.03
CA ASP D 260 5.44 12.26 9.32
C ASP D 260 6.97 12.27 9.26
N ARG D 261 7.52 11.84 8.13
CA ARG D 261 8.97 11.87 8.00
C ARG D 261 9.51 13.27 7.94
N VAL D 262 8.82 14.18 7.24
CA VAL D 262 9.28 15.59 7.17
C VAL D 262 9.21 16.28 8.54
N LEU D 263 8.07 16.10 9.19
CA LEU D 263 7.82 16.60 10.53
C LEU D 263 8.82 16.07 11.55
N ALA D 264 9.06 14.76 11.50
CA ALA D 264 10.06 14.13 12.36
C ALA D 264 11.47 14.68 12.13
N SER D 265 11.83 14.88 10.87
CA SER D 265 13.11 15.44 10.49
C SER D 265 13.33 16.88 10.95
N ARG D 266 12.31 17.72 10.76
CA ARG D 266 12.36 19.13 11.18
C ARG D 266 12.34 19.28 12.69
N LEU D 267 11.55 18.46 13.36
CA LEU D 267 11.40 18.61 14.81
C LEU D 267 12.60 18.01 15.57
N GLY D 268 13.12 16.89 15.08
CA GLY D 268 14.33 16.31 15.68
C GLY D 268 15.52 17.25 15.61
N ALA D 269 15.69 17.90 14.47
CA ALA D 269 16.80 18.81 14.25
C ALA D 269 16.67 20.06 15.12
N ARG D 270 15.46 20.52 15.35
CA ARG D 270 15.24 21.68 16.22
C ARG D 270 15.58 21.39 17.68
N ALA D 271 15.23 20.20 18.13
CA ALA D 271 15.59 19.76 19.47
C ALA D 271 17.09 19.87 19.71
N VAL D 272 17.87 19.47 18.71
CA VAL D 272 19.32 19.60 18.76
C VAL D 272 19.74 21.06 18.79
N GLU D 273 19.11 21.91 17.98
CA GLU D 273 19.40 23.36 17.97
C GLU D 273 19.22 23.94 19.35
N LEU D 274 18.12 23.63 20.00
CA LEU D 274 17.86 24.15 21.34
C LEU D 274 18.94 23.71 22.37
N LEU D 275 19.27 22.41 22.38
CA LEU D 275 20.29 21.91 23.31
C LEU D 275 21.63 22.60 23.05
N LEU D 276 22.06 22.66 21.80
CA LEU D 276 23.33 23.27 21.44
C LEU D 276 23.37 24.78 21.72
N GLU D 277 22.24 25.46 21.59
CA GLU D 277 22.22 26.90 21.89
C GLU D 277 21.92 27.18 23.39
N GLY D 278 22.06 26.18 24.24
CA GLY D 278 21.91 26.38 25.69
C GLY D 278 20.50 26.46 26.21
N LYS D 279 19.54 26.05 25.39
CA LYS D 279 18.15 25.91 25.85
C LYS D 279 17.96 24.51 26.43
N GLY D 280 16.77 24.23 26.91
CA GLY D 280 16.52 23.00 27.61
C GLY D 280 15.32 23.29 28.44
N GLY D 281 14.59 22.27 28.83
CA GLY D 281 13.30 22.46 29.46
C GLY D 281 12.28 22.93 28.46
N ARG D 282 12.43 22.48 27.20
CA ARG D 282 11.56 22.87 26.09
C ARG D 282 10.95 21.67 25.40
N CYS D 283 9.90 21.91 24.62
CA CYS D 283 9.43 20.93 23.65
C CYS D 283 9.24 21.64 22.32
N VAL D 284 9.31 20.88 21.23
CA VAL D 284 9.17 21.41 19.89
C VAL D 284 7.83 21.02 19.31
N GLY D 285 7.47 21.67 18.22
CA GLY D 285 6.22 21.38 17.54
C GLY D 285 6.11 22.16 16.24
N ILE D 286 5.02 21.91 15.55
CA ILE D 286 4.67 22.71 14.42
C ILE D 286 3.29 23.30 14.76
N GLN D 287 3.15 24.62 14.73
CA GLN D 287 1.87 25.28 14.98
C GLN D 287 1.68 26.36 13.94
N ASN D 288 0.49 26.39 13.34
CA ASN D 288 0.16 27.31 12.26
C ASN D 288 1.17 27.18 11.13
N ASN D 289 1.59 25.93 10.91
CA ASN D 289 2.58 25.58 9.89
C ASN D 289 3.94 26.26 10.07
N GLN D 290 4.27 26.55 11.33
CA GLN D 290 5.53 27.13 11.64
C GLN D 290 6.16 26.30 12.77
N LEU D 291 7.46 26.05 12.64
CA LEU D 291 8.24 25.42 13.69
C LEU D 291 8.29 26.35 14.92
N VAL D 292 8.01 25.77 16.09
CA VAL D 292 7.87 26.48 17.35
C VAL D 292 8.52 25.67 18.47
N ASP D 293 8.84 26.32 19.59
CA ASP D 293 9.19 25.60 20.80
C ASP D 293 8.60 26.30 22.00
N HIS D 294 8.44 25.56 23.09
CA HIS D 294 7.73 26.04 24.25
C HIS D 294 8.43 25.54 25.48
N ASP D 295 8.26 26.26 26.58
CA ASP D 295 8.61 25.77 27.89
C ASP D 295 7.73 24.56 28.15
N ILE D 296 8.31 23.46 28.65
CA ILE D 296 7.55 22.18 28.73
C ILE D 296 6.43 22.28 29.77
N ALA D 297 6.77 22.83 30.93
CA ALA D 297 5.79 23.09 31.99
C ALA D 297 4.61 23.96 31.48
N GLU D 298 4.89 25.06 30.77
CA GLU D 298 3.81 25.86 30.15
C GLU D 298 2.97 25.05 29.15
N ALA D 299 3.60 24.30 28.25
CA ALA D 299 2.86 23.55 27.24
C ALA D 299 2.02 22.46 27.86
N LEU D 300 2.56 21.81 28.89
CA LEU D 300 1.85 20.73 29.57
C LEU D 300 0.61 21.23 30.28
N ALA D 301 0.58 22.52 30.59
CA ALA D 301 -0.54 23.11 31.28
C ALA D 301 -1.69 23.36 30.33
N ASN D 302 -1.45 23.28 29.02
CA ASN D 302 -2.50 23.47 28.02
C ASN D 302 -3.40 22.21 27.80
N LYS D 303 -4.71 22.42 27.76
CA LYS D 303 -5.66 21.38 27.41
C LYS D 303 -5.69 21.15 25.90
N HIS D 304 -5.86 19.89 25.50
CA HIS D 304 -5.98 19.52 24.10
C HIS D 304 -7.37 19.85 23.63
N THR D 305 -7.47 20.44 22.44
CA THR D 305 -8.74 20.65 21.74
C THR D 305 -8.68 20.06 20.33
N ILE D 306 -9.86 19.74 19.80
CA ILE D 306 -10.05 19.35 18.40
C ILE D 306 -10.78 20.48 17.71
N ASP D 307 -10.74 20.50 16.39
CA ASP D 307 -11.47 21.47 15.57
C ASP D 307 -12.97 21.10 15.47
N GLN D 308 -13.81 21.86 16.17
CA GLN D 308 -15.27 21.63 16.20
C GLN D 308 -15.97 21.87 14.88
N ARG D 309 -15.39 22.73 14.06
CA ARG D 309 -15.92 23.03 12.73
C ARG D 309 -15.76 21.82 11.83
N MET D 310 -14.60 21.19 11.90
CA MET D 310 -14.33 19.95 11.15
C MET D 310 -15.31 18.86 11.48
N TYR D 311 -15.60 18.73 12.78
CA TYR D 311 -16.59 17.79 13.27
C TYR D 311 -18.00 18.12 12.69
N ALA D 312 -18.41 19.37 12.80
CA ALA D 312 -19.69 19.81 12.24
C ALA D 312 -19.76 19.55 10.72
N LEU D 313 -18.69 19.92 10.01
CA LEU D 313 -18.56 19.63 8.59
C LEU D 313 -18.73 18.14 8.25
N SER D 314 -18.16 17.27 9.08
CA SER D 314 -18.20 15.83 8.79
C SER D 314 -19.63 15.32 8.75
N LYS D 315 -20.48 15.95 9.53
CA LYS D 315 -21.87 15.60 9.56
C LYS D 315 -22.62 16.17 8.39
N GLU D 316 -22.23 17.34 7.94
CA GLU D 316 -22.90 17.97 6.86
C GLU D 316 -22.70 17.20 5.59
N LEU D 317 -21.54 16.61 5.44
CA LEU D 317 -21.16 15.99 4.20
C LEU D 317 -21.63 14.58 4.03
N SER D 318 -21.97 13.95 5.12
CA SER D 318 -22.25 12.55 5.08
C SER D 318 -23.71 12.25 5.04
N ILE D 319 -24.51 13.25 4.75
CA ILE D 319 -25.91 13.05 4.48
C ILE D 319 -26.02 12.21 3.22
#